data_5UPS
#
_entry.id   5UPS
#
_cell.length_a   162.669
_cell.length_b   162.669
_cell.length_c   114.135
_cell.angle_alpha   90.000
_cell.angle_beta   90.000
_cell.angle_gamma   120.000
#
_symmetry.space_group_name_H-M   'P 31 2 1'
#
loop_
_entity.id
_entity.type
_entity.pdbx_description
1 polymer 'Acyl-CoA synthetase PtmA2'
2 non-polymer "5'-O-[(R)-hydroxy{[(7beta,8alpha,9beta,10alpha,11beta,13alpha)-7-hydroxy-19-oxo-11,16-epoxykauran-19-yl]oxy}phosphoryl]adenosine"
3 non-polymer 'SODIUM ION'
4 non-polymer 'FORMIC ACID'
5 water water
#
_entity_poly.entity_id   1
_entity_poly.type   'polypeptide(L)'
_entity_poly.pdbx_seq_one_letter_code
;SNALQHTTIGDVLREHRRSHPGRTALVDGPVRLTWPELDDRVNRLAGSLAASGIGRGDRI(MSE)WLGQNSFRVYELIAA
AGKLGA(MSE)VCVGYWRWAPPE(MSE)EFALRDFDPHLVVWQHQEIHETVARTREALGSDDTARWLRHDSAPQDPDGYE
AFLAAGGLADPDLDIDPDSPVLVLYTAA(MSE)SGRQCGSLLSHTNLIA(MSE)ATAAAWLGDIDHTTAFLNSGP(MSE)
FHIGNHQFWG(MSE)PTLL(MSE)AGKNVIVRRVVAEEVRDLLVAEECTHAFL(MSE)PPTVAEIVRLNRDTGHDLSRLR
ATVAPHLWEG(MSE)ATTDTSRFTRSGAAAGRGYGQTELSGFAVTAAYGGPAAGNAGRPGPGLTVRVLDTAGRECAVGEA
GEICARGTVVHRGYWNRDEVNAHRFRSGWWHTTDLGRREPDGSLTFLGTTTR(MSE)LKSAAENIFPAEVENCIEQHPAV
REAAVIGVPNTRWAQDVKAVVVLEPDAGVSEQEIIDHCRPRIASYKKPKSVAFAAALPRTVSGARDYDALDKEYGGGGYP
GAATLGPGR
;
_entity_poly.pdbx_strand_id   A,B
#
# COMPACT_ATOMS: atom_id res chain seq x y z
N HIS A 6 -0.77 -3.93 12.50
CA HIS A 6 -0.67 -4.10 11.01
C HIS A 6 -1.72 -5.07 10.49
N THR A 7 -2.21 -4.78 9.30
CA THR A 7 -3.30 -5.52 8.70
C THR A 7 -2.85 -6.90 8.23
N THR A 8 -3.69 -7.90 8.48
CA THR A 8 -3.51 -9.25 8.00
C THR A 8 -4.64 -9.60 7.02
N ILE A 9 -4.53 -10.75 6.38
CA ILE A 9 -5.59 -11.25 5.48
C ILE A 9 -6.89 -11.46 6.28
N GLY A 10 -6.74 -11.94 7.50
CA GLY A 10 -7.87 -12.14 8.36
C GLY A 10 -8.62 -10.85 8.63
N ASP A 11 -7.89 -9.74 8.78
CA ASP A 11 -8.53 -8.43 8.99
C ASP A 11 -9.29 -7.95 7.75
N VAL A 12 -8.85 -8.35 6.57
CA VAL A 12 -9.56 -8.01 5.36
C VAL A 12 -10.96 -8.60 5.40
N LEU A 13 -11.05 -9.89 5.74
CA LEU A 13 -12.36 -10.58 5.84
C LEU A 13 -13.20 -10.03 7.02
N ARG A 14 -12.57 -9.75 8.14
CA ARG A 14 -13.30 -9.16 9.29
C ARG A 14 -13.94 -7.82 8.95
N GLU A 15 -13.22 -6.99 8.19
CA GLU A 15 -13.77 -5.69 7.80
C GLU A 15 -14.83 -5.87 6.74
N HIS A 16 -14.58 -6.70 5.71
CA HIS A 16 -15.57 -6.84 4.64
C HIS A 16 -16.90 -7.41 5.16
N ARG A 17 -16.87 -8.31 6.12
CA ARG A 17 -18.14 -8.84 6.61
C ARG A 17 -18.99 -7.73 7.26
N ARG A 18 -18.32 -6.70 7.81
CA ARG A 18 -19.04 -5.57 8.39
C ARG A 18 -19.43 -4.50 7.38
N SER A 19 -18.51 -4.17 6.48
CA SER A 19 -18.73 -3.10 5.51
C SER A 19 -19.48 -3.52 4.25
N HIS A 20 -19.42 -4.79 3.90
CA HIS A 20 -20.04 -5.25 2.66
C HIS A 20 -20.85 -6.52 2.93
N PRO A 21 -21.83 -6.43 3.84
CA PRO A 21 -22.56 -7.62 4.28
C PRO A 21 -23.36 -8.30 3.19
N GLY A 22 -23.84 -7.53 2.21
CA GLY A 22 -24.63 -8.11 1.13
C GLY A 22 -23.89 -8.51 -0.13
N ARG A 23 -22.60 -8.21 -0.23
CA ARG A 23 -21.87 -8.43 -1.49
C ARG A 23 -21.33 -9.84 -1.60
N THR A 24 -21.36 -10.36 -2.82
CA THR A 24 -20.86 -11.69 -3.10
C THR A 24 -19.34 -11.66 -3.22
N ALA A 25 -18.68 -12.46 -2.41
CA ALA A 25 -17.23 -12.55 -2.39
C ALA A 25 -16.66 -13.64 -3.29
N LEU A 26 -17.35 -14.79 -3.36
CA LEU A 26 -16.86 -15.95 -4.11
C LEU A 26 -17.98 -16.66 -4.81
N VAL A 27 -17.71 -17.07 -6.05
CA VAL A 27 -18.60 -17.92 -6.81
C VAL A 27 -17.77 -19.05 -7.39
N ASP A 28 -18.23 -20.28 -7.25
CA ASP A 28 -17.52 -21.43 -7.81
C ASP A 28 -18.59 -22.49 -8.12
N GLY A 29 -18.98 -22.58 -9.38
CA GLY A 29 -20.13 -23.41 -9.77
C GLY A 29 -21.37 -22.90 -9.04
N PRO A 30 -22.09 -23.79 -8.34
CA PRO A 30 -23.29 -23.40 -7.62
C PRO A 30 -23.01 -22.72 -6.28
N VAL A 31 -21.78 -22.79 -5.80
CA VAL A 31 -21.41 -22.16 -4.55
C VAL A 31 -21.34 -20.65 -4.72
N ARG A 32 -22.06 -19.93 -3.89
CA ARG A 32 -21.98 -18.46 -3.85
C ARG A 32 -21.90 -18.03 -2.40
N LEU A 33 -20.94 -17.15 -2.07
CA LEU A 33 -20.73 -16.75 -0.68
C LEU A 33 -20.57 -15.24 -0.58
N THR A 34 -21.35 -14.64 0.30
CA THR A 34 -21.16 -13.24 0.65
C THR A 34 -20.00 -13.14 1.62
N TRP A 35 -19.55 -11.93 1.88
CA TRP A 35 -18.45 -11.74 2.82
C TRP A 35 -18.74 -12.33 4.20
N PRO A 36 -19.94 -12.10 4.77
CA PRO A 36 -20.16 -12.73 6.07
C PRO A 36 -20.23 -14.25 5.99
N GLU A 37 -20.81 -14.79 4.93
CA GLU A 37 -20.85 -16.27 4.79
C GLU A 37 -19.46 -16.84 4.63
N LEU A 38 -18.60 -16.13 3.87
CA LEU A 38 -17.24 -16.59 3.69
C LEU A 38 -16.49 -16.53 5.02
N ASP A 39 -16.60 -15.41 5.74
CA ASP A 39 -15.85 -15.30 6.97
C ASP A 39 -16.31 -16.31 8.02
N ASP A 40 -17.59 -16.68 7.99
CA ASP A 40 -18.10 -17.69 8.93
C ASP A 40 -17.48 -19.05 8.60
N ARG A 41 -17.45 -19.40 7.33
CA ARG A 41 -16.85 -20.65 6.91
C ARG A 41 -15.37 -20.70 7.27
N VAL A 42 -14.68 -19.60 7.04
CA VAL A 42 -13.27 -19.50 7.42
C VAL A 42 -13.06 -19.72 8.94
N ASN A 43 -13.95 -19.16 9.76
CA ASN A 43 -13.84 -19.33 11.19
C ASN A 43 -14.07 -20.79 11.62
N ARG A 44 -15.07 -21.45 11.05
CA ARG A 44 -15.27 -22.88 11.31
C ARG A 44 -14.04 -23.65 10.85
N LEU A 45 -13.55 -23.35 9.65
CA LEU A 45 -12.37 -24.05 9.14
C LEU A 45 -11.17 -23.83 10.04
N ALA A 46 -10.96 -22.60 10.49
CA ALA A 46 -9.85 -22.33 11.42
C ALA A 46 -10.02 -23.14 12.72
N GLY A 47 -11.26 -23.24 13.17
CA GLY A 47 -11.63 -24.03 14.36
C GLY A 47 -11.19 -25.46 14.20
N SER A 48 -11.51 -26.06 13.06
CA SER A 48 -11.16 -27.47 12.83
C SER A 48 -9.65 -27.64 12.62
N LEU A 49 -9.00 -26.69 11.95
CA LEU A 49 -7.55 -26.77 11.76
C LEU A 49 -6.84 -26.76 13.12
N ALA A 50 -7.22 -25.78 13.95
CA ALA A 50 -6.66 -25.68 15.29
C ALA A 50 -6.93 -26.96 16.10
N ALA A 51 -8.14 -27.51 16.00
CA ALA A 51 -8.46 -28.79 16.66
C ALA A 51 -7.64 -29.95 16.12
N SER A 52 -7.19 -29.89 14.87
CA SER A 52 -6.28 -30.88 14.31
CA SER A 52 -6.29 -30.89 14.32
C SER A 52 -4.84 -30.62 14.71
N GLY A 53 -4.59 -29.57 15.48
CA GLY A 53 -3.21 -29.27 15.89
C GLY A 53 -2.45 -28.27 15.05
N ILE A 54 -3.12 -27.63 14.08
CA ILE A 54 -2.49 -26.61 13.24
C ILE A 54 -2.44 -25.30 14.00
N GLY A 55 -1.24 -24.74 14.13
CA GLY A 55 -1.05 -23.37 14.62
C GLY A 55 0.01 -22.56 13.90
N ARG A 56 0.67 -21.64 14.62
CA ARG A 56 1.63 -20.74 14.01
C ARG A 56 2.77 -21.51 13.34
N GLY A 57 3.03 -21.21 12.08
CA GLY A 57 4.13 -21.81 11.33
C GLY A 57 3.85 -23.20 10.80
N ASP A 58 2.65 -23.70 11.04
CA ASP A 58 2.28 -24.99 10.48
C ASP A 58 1.79 -24.82 9.03
N ARG A 59 1.55 -25.94 8.36
CA ARG A 59 1.63 -26.04 6.90
C ARG A 59 0.54 -26.92 6.33
N ILE A 60 -0.17 -26.40 5.34
CA ILE A 60 -1.23 -27.11 4.63
C ILE A 60 -0.90 -27.14 3.12
N TRP A 62 -2.26 -27.87 -0.72
CA TRP A 62 -3.37 -28.06 -1.65
C TRP A 62 -2.90 -28.77 -2.90
N LEU A 63 -3.56 -29.88 -3.22
CA LEU A 63 -3.27 -30.65 -4.42
C LEU A 63 -4.55 -30.79 -5.21
N GLY A 64 -4.81 -29.78 -6.03
CA GLY A 64 -6.03 -29.70 -6.78
C GLY A 64 -5.97 -28.58 -7.81
N GLN A 65 -7.03 -28.48 -8.61
CA GLN A 65 -7.20 -27.34 -9.52
C GLN A 65 -7.76 -26.14 -8.75
N ASN A 66 -8.14 -25.07 -9.47
CA ASN A 66 -8.64 -23.89 -8.78
C ASN A 66 -9.95 -24.21 -8.07
N SER A 67 -10.11 -23.68 -6.87
CA SER A 67 -11.36 -23.82 -6.11
C SER A 67 -11.53 -22.63 -5.19
N PHE A 68 -12.77 -22.29 -4.88
CA PHE A 68 -13.05 -21.32 -3.83
C PHE A 68 -12.40 -21.72 -2.51
N ARG A 69 -12.20 -23.02 -2.31
CA ARG A 69 -11.63 -23.51 -1.04
C ARG A 69 -10.18 -23.09 -0.85
N VAL A 70 -9.49 -22.75 -1.93
CA VAL A 70 -8.13 -22.24 -1.83
C VAL A 70 -8.11 -20.90 -1.09
N TYR A 71 -9.03 -20.02 -1.43
CA TYR A 71 -9.19 -18.74 -0.72
C TYR A 71 -9.57 -19.00 0.76
N GLU A 72 -10.52 -19.91 1.00
CA GLU A 72 -10.93 -20.19 2.37
C GLU A 72 -9.76 -20.70 3.20
N LEU A 73 -8.96 -21.61 2.62
CA LEU A 73 -7.80 -22.17 3.31
C LEU A 73 -6.71 -21.16 3.60
N ILE A 74 -6.43 -20.29 2.64
CA ILE A 74 -5.43 -19.23 2.85
C ILE A 74 -5.88 -18.34 4.02
N ALA A 75 -7.15 -17.95 4.02
CA ALA A 75 -7.70 -17.05 5.04
C ALA A 75 -7.74 -17.71 6.41
N ALA A 76 -8.14 -18.98 6.45
CA ALA A 76 -8.23 -19.77 7.69
C ALA A 76 -6.87 -20.01 8.28
N ALA A 77 -5.97 -20.48 7.43
CA ALA A 77 -4.60 -20.66 7.83
C ALA A 77 -4.01 -19.34 8.33
N GLY A 78 -4.32 -18.26 7.62
CA GLY A 78 -3.81 -16.95 7.96
C GLY A 78 -4.23 -16.47 9.34
N LYS A 79 -5.46 -16.77 9.70
CA LYS A 79 -5.99 -16.44 11.02
C LYS A 79 -5.34 -17.22 12.18
N LEU A 80 -4.69 -18.32 11.83
CA LEU A 80 -3.92 -19.10 12.78
C LEU A 80 -2.43 -18.87 12.70
N GLY A 81 -1.98 -17.99 11.79
CA GLY A 81 -0.53 -17.86 11.54
C GLY A 81 0.11 -19.03 10.79
N ALA A 82 -0.72 -19.88 10.22
CA ALA A 82 -0.25 -21.00 9.39
C ALA A 82 -0.12 -20.59 7.90
N VAL A 84 -0.30 -21.95 3.50
CA VAL A 84 -0.87 -22.87 2.52
C VAL A 84 0.05 -22.89 1.30
N CYS A 85 0.44 -24.10 0.90
CA CYS A 85 1.16 -24.31 -0.35
C CYS A 85 0.16 -24.75 -1.40
N VAL A 86 0.07 -23.98 -2.50
CA VAL A 86 -0.74 -24.40 -3.64
C VAL A 86 0.16 -25.21 -4.55
N GLY A 87 0.10 -26.53 -4.39
CA GLY A 87 0.81 -27.42 -5.30
C GLY A 87 0.17 -27.42 -6.69
N TYR A 88 0.90 -27.91 -7.68
CA TYR A 88 0.38 -27.93 -9.06
C TYR A 88 -0.29 -29.23 -9.38
N TRP A 89 -1.56 -29.16 -9.78
CA TRP A 89 -2.29 -30.33 -10.22
C TRP A 89 -1.63 -31.02 -11.44
N ARG A 90 -0.83 -30.28 -12.21
CA ARG A 90 -0.15 -30.79 -13.41
CA ARG A 90 -0.18 -30.82 -13.41
C ARG A 90 1.12 -31.58 -13.11
N TRP A 91 1.58 -31.56 -11.87
CA TRP A 91 2.81 -32.27 -11.50
C TRP A 91 2.71 -33.78 -11.65
N ALA A 92 3.81 -34.38 -12.10
CA ALA A 92 3.90 -35.83 -12.14
C ALA A 92 4.12 -36.33 -10.70
N PRO A 93 3.86 -37.63 -10.46
CA PRO A 93 4.00 -38.15 -9.11
C PRO A 93 5.34 -37.86 -8.43
N PRO A 94 6.47 -37.99 -9.14
CA PRO A 94 7.72 -37.66 -8.44
C PRO A 94 7.87 -36.21 -8.02
N GLU A 95 7.25 -35.29 -8.76
CA GLU A 95 7.31 -33.87 -8.41
C GLU A 95 6.41 -33.60 -7.20
N GLU A 97 5.49 -35.79 -4.97
CA GLU A 97 6.16 -36.41 -3.84
C GLU A 97 7.28 -35.54 -3.31
N PHE A 98 8.10 -34.98 -4.21
CA PHE A 98 9.16 -34.10 -3.75
C PHE A 98 8.57 -32.93 -2.95
N ALA A 99 7.50 -32.35 -3.44
CA ALA A 99 6.96 -31.15 -2.80
C ALA A 99 6.40 -31.51 -1.43
N LEU A 100 5.75 -32.67 -1.35
CA LEU A 100 5.16 -33.15 -0.10
C LEU A 100 6.25 -33.42 0.93
N ARG A 101 7.30 -34.12 0.53
CA ARG A 101 8.41 -34.39 1.44
C ARG A 101 9.12 -33.10 1.84
N ASP A 102 9.30 -32.19 0.90
CA ASP A 102 10.06 -30.97 1.17
C ASP A 102 9.25 -30.08 2.12
N PHE A 103 7.99 -29.87 1.78
CA PHE A 103 7.12 -28.94 2.51
C PHE A 103 6.64 -29.51 3.84
N ASP A 104 6.48 -30.83 3.87
CA ASP A 104 6.18 -31.58 5.10
C ASP A 104 4.93 -31.05 5.78
N PRO A 105 3.80 -31.09 5.07
CA PRO A 105 2.62 -30.50 5.62
C PRO A 105 1.97 -31.33 6.70
N HIS A 106 1.21 -30.65 7.56
CA HIS A 106 0.42 -31.28 8.59
CA HIS A 106 0.40 -31.28 8.61
C HIS A 106 -0.89 -31.79 7.97
N LEU A 107 -1.34 -31.10 6.91
CA LEU A 107 -2.59 -31.43 6.27
C LEU A 107 -2.44 -31.32 4.76
N VAL A 108 -3.07 -32.24 4.05
CA VAL A 108 -3.09 -32.24 2.58
C VAL A 108 -4.55 -32.22 2.17
N VAL A 109 -4.96 -31.19 1.42
CA VAL A 109 -6.31 -31.12 0.86
C VAL A 109 -6.20 -31.41 -0.63
N TRP A 110 -6.87 -32.48 -1.08
CA TRP A 110 -6.60 -33.05 -2.38
C TRP A 110 -7.88 -33.19 -3.16
N GLN A 111 -7.69 -33.30 -4.46
CA GLN A 111 -8.77 -33.41 -5.42
C GLN A 111 -8.71 -34.77 -6.10
N HIS A 112 -9.89 -35.37 -6.26
CA HIS A 112 -10.04 -36.63 -6.98
C HIS A 112 -10.22 -36.41 -8.47
N GLN A 113 -11.13 -35.52 -8.83
CA GLN A 113 -11.39 -35.28 -10.22
C GLN A 113 -10.09 -34.93 -10.98
N GLU A 114 -9.88 -35.66 -12.07
CA GLU A 114 -8.77 -35.50 -12.99
C GLU A 114 -7.45 -36.03 -12.51
N ILE A 115 -7.13 -35.90 -11.24
CA ILE A 115 -5.78 -36.26 -10.79
C ILE A 115 -5.69 -37.41 -9.77
N HIS A 116 -6.80 -38.11 -9.55
CA HIS A 116 -6.82 -39.19 -8.54
C HIS A 116 -5.68 -40.18 -8.68
N GLU A 117 -5.42 -40.64 -9.91
CA GLU A 117 -4.35 -41.61 -10.12
CA GLU A 117 -4.36 -41.63 -10.07
C GLU A 117 -2.99 -41.05 -9.68
N THR A 118 -2.68 -39.83 -10.13
CA THR A 118 -1.40 -39.23 -9.75
C THR A 118 -1.31 -39.05 -8.22
N VAL A 119 -2.42 -38.66 -7.60
CA VAL A 119 -2.40 -38.46 -6.15
C VAL A 119 -2.15 -39.79 -5.42
N ALA A 120 -2.88 -40.83 -5.84
CA ALA A 120 -2.69 -42.19 -5.28
C ALA A 120 -1.25 -42.69 -5.45
N ARG A 121 -0.70 -42.60 -6.65
CA ARG A 121 0.69 -43.03 -6.83
C ARG A 121 1.65 -42.24 -5.94
N THR A 122 1.39 -40.95 -5.75
CA THR A 122 2.24 -40.14 -4.91
C THR A 122 2.17 -40.59 -3.45
N ARG A 123 0.95 -40.80 -2.96
CA ARG A 123 0.75 -41.22 -1.58
C ARG A 123 1.41 -42.57 -1.32
N GLU A 124 1.10 -43.53 -2.19
CA GLU A 124 1.75 -44.82 -2.19
C GLU A 124 3.26 -44.67 -2.04
N ALA A 125 3.87 -43.83 -2.86
CA ALA A 125 5.33 -43.68 -2.86
C ALA A 125 5.91 -43.16 -1.54
N LEU A 126 5.14 -42.37 -0.80
CA LEU A 126 5.59 -41.89 0.50
C LEU A 126 5.69 -43.03 1.53
N GLY A 127 4.85 -44.06 1.37
CA GLY A 127 4.86 -45.24 2.25
C GLY A 127 4.56 -44.79 3.68
N SER A 128 5.38 -45.26 4.61
CA SER A 128 5.19 -44.93 6.02
C SER A 128 5.64 -43.49 6.36
N ASP A 129 6.35 -42.83 5.44
CA ASP A 129 6.65 -41.40 5.63
C ASP A 129 5.42 -40.49 5.54
N ASP A 130 4.27 -41.02 5.12
CA ASP A 130 3.05 -40.23 5.07
C ASP A 130 2.38 -40.05 6.44
N THR A 131 2.79 -38.99 7.14
CA THR A 131 2.30 -38.62 8.46
C THR A 131 1.14 -37.62 8.44
N ALA A 132 0.82 -37.03 7.29
CA ALA A 132 -0.17 -35.95 7.22
C ALA A 132 -1.59 -36.48 7.25
N ARG A 133 -2.54 -35.66 7.67
CA ARG A 133 -3.95 -35.96 7.49
C ARG A 133 -4.36 -35.52 6.09
N TRP A 134 -5.20 -36.30 5.41
CA TRP A 134 -5.62 -35.99 4.03
C TRP A 134 -7.11 -35.77 4.00
N LEU A 135 -7.55 -34.69 3.36
CA LEU A 135 -8.98 -34.40 3.19
C LEU A 135 -9.27 -34.21 1.71
N ARG A 136 -10.29 -34.90 1.21
CA ARG A 136 -10.69 -34.74 -0.18
C ARG A 136 -11.59 -33.52 -0.29
N HIS A 137 -11.20 -32.54 -1.11
CA HIS A 137 -12.01 -31.32 -1.23
C HIS A 137 -13.30 -31.54 -2.00
N ASP A 138 -13.23 -32.27 -3.10
CA ASP A 138 -14.41 -32.50 -3.96
C ASP A 138 -15.07 -33.84 -3.59
N SER A 139 -15.37 -34.02 -2.30
CA SER A 139 -15.92 -35.28 -1.79
C SER A 139 -17.43 -35.18 -1.77
N ALA A 140 -18.12 -36.28 -1.52
CA ALA A 140 -19.54 -36.23 -1.13
C ALA A 140 -19.64 -35.38 0.13
N PRO A 141 -20.75 -34.64 0.29
CA PRO A 141 -20.87 -33.76 1.46
C PRO A 141 -20.54 -34.44 2.79
N GLN A 142 -21.01 -35.67 2.98
CA GLN A 142 -20.91 -36.35 4.27
C GLN A 142 -19.64 -37.16 4.45
N ASP A 143 -18.75 -37.13 3.47
CA ASP A 143 -17.54 -37.92 3.56
C ASP A 143 -16.76 -37.43 4.78
N PRO A 144 -16.53 -38.31 5.76
CA PRO A 144 -15.84 -37.92 7.01
C PRO A 144 -14.37 -37.64 6.80
N ASP A 145 -13.78 -38.07 5.69
CA ASP A 145 -12.46 -37.61 5.31
C ASP A 145 -12.55 -36.51 4.24
N GLY A 146 -13.67 -35.81 4.22
CA GLY A 146 -13.88 -34.74 3.26
C GLY A 146 -13.78 -33.36 3.91
N TYR A 147 -13.42 -32.37 3.10
CA TYR A 147 -13.24 -30.99 3.56
C TYR A 147 -14.48 -30.41 4.17
N GLU A 148 -15.62 -30.57 3.50
CA GLU A 148 -16.86 -29.93 3.97
C GLU A 148 -17.31 -30.44 5.36
N ALA A 149 -17.18 -31.75 5.61
CA ALA A 149 -17.49 -32.28 6.95
C ALA A 149 -16.48 -31.78 7.98
N PHE A 150 -15.20 -31.76 7.59
CA PHE A 150 -14.15 -31.23 8.45
C PHE A 150 -14.45 -29.76 8.84
N LEU A 151 -14.83 -28.97 7.85
CA LEU A 151 -15.17 -27.56 8.08
C LEU A 151 -16.42 -27.44 8.97
N ALA A 152 -17.47 -28.20 8.64
CA ALA A 152 -18.76 -28.12 9.36
C ALA A 152 -18.64 -28.36 10.85
N ALA A 153 -17.68 -29.18 11.24
CA ALA A 153 -17.47 -29.52 12.66
C ALA A 153 -16.87 -28.38 13.45
N GLY A 154 -16.33 -27.37 12.77
CA GLY A 154 -15.68 -26.27 13.48
C GLY A 154 -16.70 -25.26 13.95
N GLY A 155 -16.33 -24.52 15.01
CA GLY A 155 -17.18 -23.45 15.58
C GLY A 155 -17.09 -22.11 14.87
N LEU A 156 -18.17 -21.34 14.97
CA LEU A 156 -18.33 -20.04 14.31
C LEU A 156 -17.45 -18.93 14.87
N ALA A 157 -16.90 -19.12 16.06
CA ALA A 157 -16.09 -18.07 16.68
C ALA A 157 -14.83 -17.80 15.87
N ASP A 158 -14.48 -16.54 15.79
CA ASP A 158 -13.24 -16.13 15.19
C ASP A 158 -12.12 -16.48 16.16
N PRO A 159 -11.08 -17.13 15.67
CA PRO A 159 -9.96 -17.42 16.56
C PRO A 159 -9.38 -16.17 17.22
N ASP A 160 -9.53 -15.01 16.58
CA ASP A 160 -9.13 -13.72 17.18
C ASP A 160 -7.72 -13.78 17.72
N LEU A 161 -6.80 -14.31 16.93
CA LEU A 161 -5.41 -14.35 17.36
C LEU A 161 -4.66 -13.20 16.76
N ASP A 162 -3.60 -12.83 17.45
CA ASP A 162 -2.75 -11.78 17.03
C ASP A 162 -1.70 -12.38 16.11
N ILE A 163 -1.88 -12.21 14.80
CA ILE A 163 -0.96 -12.84 13.85
C ILE A 163 -0.03 -11.80 13.26
N ASP A 164 1.26 -12.09 13.25
CA ASP A 164 2.23 -11.21 12.68
C ASP A 164 2.14 -11.29 11.14
N PRO A 165 1.88 -10.17 10.47
CA PRO A 165 1.63 -10.24 9.05
C PRO A 165 2.88 -10.50 8.21
N ASP A 166 4.08 -10.42 8.78
CA ASP A 166 5.25 -10.95 8.09
C ASP A 166 5.34 -12.47 8.07
N SER A 167 4.42 -13.17 8.76
CA SER A 167 4.36 -14.64 8.73
C SER A 167 4.02 -15.09 7.32
N PRO A 168 4.74 -16.09 6.79
CA PRO A 168 4.30 -16.68 5.53
C PRO A 168 2.85 -17.14 5.61
N VAL A 169 2.10 -16.89 4.54
CA VAL A 169 0.72 -17.42 4.45
C VAL A 169 0.44 -18.18 3.15
N LEU A 170 1.18 -17.86 2.10
CA LEU A 170 1.07 -18.55 0.82
C LEU A 170 2.44 -18.99 0.32
N VAL A 171 2.52 -20.23 -0.14
CA VAL A 171 3.79 -20.81 -0.58
C VAL A 171 3.67 -21.24 -2.03
N LEU A 172 4.51 -20.68 -2.88
CA LEU A 172 4.46 -21.03 -4.33
C LEU A 172 5.80 -21.56 -4.76
N TYR A 173 5.79 -22.80 -5.23
CA TYR A 173 6.99 -23.47 -5.66
C TYR A 173 7.46 -22.95 -7.00
N THR A 174 8.75 -22.66 -7.06
CA THR A 174 9.32 -22.05 -8.23
C THR A 174 10.82 -22.30 -8.23
N ALA A 175 11.56 -21.60 -9.08
CA ALA A 175 13.02 -21.54 -8.94
C ALA A 175 13.67 -22.92 -8.91
N ALA A 176 13.37 -23.73 -9.94
CA ALA A 176 13.93 -25.07 -9.99
C ALA A 176 15.28 -25.15 -10.73
N SER A 178 18.21 -25.62 -9.85
CA SER A 178 19.03 -26.74 -9.39
C SER A 178 18.48 -28.10 -9.85
N GLY A 179 17.27 -28.11 -10.42
CA GLY A 179 16.58 -29.35 -10.75
C GLY A 179 15.45 -29.64 -9.79
N ARG A 180 15.48 -28.96 -8.65
CA ARG A 180 14.45 -29.11 -7.65
C ARG A 180 13.87 -27.74 -7.25
N GLN A 181 12.54 -27.68 -7.25
CA GLN A 181 11.81 -26.49 -6.93
C GLN A 181 12.00 -26.08 -5.47
N CYS A 182 11.85 -24.78 -5.23
CA CYS A 182 11.91 -24.17 -3.91
C CYS A 182 10.59 -23.43 -3.64
N GLY A 183 10.10 -23.52 -2.42
CA GLY A 183 8.80 -22.96 -2.08
C GLY A 183 8.94 -21.53 -1.61
N SER A 184 8.55 -20.57 -2.46
CA SER A 184 8.60 -19.14 -2.10
C SER A 184 7.57 -18.81 -1.03
N LEU A 185 8.05 -18.17 0.03
CA LEU A 185 7.24 -17.84 1.20
C LEU A 185 6.69 -16.44 1.06
N LEU A 186 5.38 -16.33 0.80
CA LEU A 186 4.76 -15.04 0.67
C LEU A 186 3.94 -14.75 1.91
N SER A 187 4.25 -13.62 2.55
CA SER A 187 3.58 -13.21 3.77
C SER A 187 2.27 -12.49 3.54
N HIS A 188 1.54 -12.26 4.62
CA HIS A 188 0.32 -11.47 4.55
C HIS A 188 0.69 -10.11 3.98
N THR A 189 1.77 -9.53 4.49
CA THR A 189 2.22 -8.20 4.05
C THR A 189 2.66 -8.17 2.59
N ASN A 190 3.41 -9.18 2.17
CA ASN A 190 3.71 -9.33 0.74
C ASN A 190 2.42 -9.21 -0.12
N LEU A 191 1.43 -10.03 0.21
CA LEU A 191 0.23 -10.15 -0.58
C LEU A 191 -0.60 -8.86 -0.55
N ILE A 192 -0.69 -8.25 0.63
CA ILE A 192 -1.43 -7.01 0.77
C ILE A 192 -0.72 -5.87 0.04
N ALA A 193 0.60 -5.80 0.11
CA ALA A 193 1.28 -4.72 -0.59
C ALA A 193 1.16 -4.92 -2.13
N ALA A 195 -1.31 -6.53 -3.62
CA ALA A 195 -2.71 -6.24 -3.94
C ALA A 195 -3.00 -4.74 -3.99
N THR A 196 -2.40 -4.01 -3.06
CA THR A 196 -2.58 -2.57 -2.99
C THR A 196 -2.03 -1.87 -4.23
N ALA A 197 -0.81 -2.22 -4.59
CA ALA A 197 -0.21 -1.65 -5.81
C ALA A 197 -1.07 -2.06 -7.04
N ALA A 198 -1.53 -3.29 -7.07
CA ALA A 198 -2.28 -3.77 -8.25
C ALA A 198 -3.63 -3.03 -8.39
N ALA A 199 -4.22 -2.66 -7.26
CA ALA A 199 -5.45 -1.91 -7.25
C ALA A 199 -5.31 -0.56 -7.92
N TRP A 200 -4.17 0.11 -7.72
CA TRP A 200 -3.88 1.33 -8.44
C TRP A 200 -3.55 1.03 -9.91
N LEU A 201 -2.72 0.03 -10.13
CA LEU A 201 -2.28 -0.33 -11.49
C LEU A 201 -3.46 -0.64 -12.43
N GLY A 202 -4.40 -1.43 -11.93
CA GLY A 202 -5.54 -1.84 -12.71
C GLY A 202 -6.86 -1.16 -12.39
N ASP A 203 -6.85 -0.15 -11.51
CA ASP A 203 -8.07 0.56 -11.15
C ASP A 203 -9.14 -0.43 -10.65
N ILE A 204 -8.76 -1.22 -9.66
CA ILE A 204 -9.63 -2.25 -9.08
C ILE A 204 -10.42 -1.64 -7.93
N ASP A 205 -11.67 -2.08 -7.79
CA ASP A 205 -12.49 -1.65 -6.68
C ASP A 205 -13.52 -2.71 -6.32
N HIS A 206 -14.46 -2.34 -5.47
CA HIS A 206 -15.45 -3.32 -4.97
C HIS A 206 -16.40 -3.84 -6.09
N THR A 207 -16.47 -3.13 -7.22
CA THR A 207 -17.26 -3.59 -8.35
C THR A 207 -16.50 -4.57 -9.25
N THR A 208 -15.22 -4.81 -8.98
CA THR A 208 -14.43 -5.67 -9.82
C THR A 208 -14.99 -7.10 -9.67
N ALA A 209 -15.14 -7.79 -10.79
CA ALA A 209 -15.51 -9.20 -10.74
C ALA A 209 -14.53 -9.98 -11.60
N PHE A 210 -13.65 -10.74 -10.94
CA PHE A 210 -12.52 -11.34 -11.60
C PHE A 210 -12.72 -12.83 -11.73
N LEU A 211 -12.56 -13.31 -12.96
CA LEU A 211 -12.61 -14.74 -13.26
C LEU A 211 -11.23 -15.33 -13.05
N ASN A 212 -11.14 -16.27 -12.10
CA ASN A 212 -9.87 -16.89 -11.71
C ASN A 212 -9.57 -18.02 -12.69
N SER A 213 -9.23 -17.65 -13.92
CA SER A 213 -8.98 -18.57 -15.01
C SER A 213 -7.49 -18.83 -15.21
N GLY A 214 -6.65 -18.28 -14.35
CA GLY A 214 -5.23 -18.62 -14.35
C GLY A 214 -4.97 -19.62 -13.22
N PRO A 215 -3.91 -20.42 -13.33
CA PRO A 215 -3.61 -21.40 -12.26
C PRO A 215 -3.22 -20.73 -10.96
N PHE A 217 -1.57 -21.99 -8.78
CA PHE A 217 -0.16 -22.33 -8.57
C PHE A 217 0.77 -21.21 -9.00
N HIS A 218 0.32 -20.36 -9.92
CA HIS A 218 1.10 -19.24 -10.45
C HIS A 218 0.76 -17.93 -9.78
N ILE A 219 1.80 -17.15 -9.51
CA ILE A 219 1.66 -15.85 -8.85
C ILE A 219 0.75 -14.91 -9.67
N GLY A 220 0.78 -15.03 -10.99
CA GLY A 220 0.02 -14.12 -11.86
C GLY A 220 -1.48 -14.04 -11.61
N ASN A 221 -2.14 -15.17 -11.39
CA ASN A 221 -3.55 -15.16 -11.08
C ASN A 221 -3.85 -14.46 -9.75
N HIS A 222 -2.97 -14.58 -8.76
CA HIS A 222 -3.14 -13.90 -7.47
C HIS A 222 -2.95 -12.39 -7.62
N GLN A 223 -1.93 -11.98 -8.38
CA GLN A 223 -1.65 -10.56 -8.59
C GLN A 223 -2.71 -9.89 -9.51
N PHE A 224 -3.02 -10.56 -10.61
CA PHE A 224 -3.91 -10.01 -11.66
C PHE A 224 -5.09 -10.96 -11.87
N TRP A 225 -6.10 -10.95 -11.02
CA TRP A 225 -6.39 -9.90 -10.03
C TRP A 225 -7.03 -10.48 -8.77
N GLY A 226 -6.70 -11.73 -8.43
CA GLY A 226 -7.40 -12.40 -7.34
C GLY A 226 -7.28 -11.66 -6.01
N PRO A 228 -6.00 -8.41 -5.37
CA PRO A 228 -6.60 -7.07 -5.31
C PRO A 228 -8.14 -7.07 -5.28
N THR A 229 -8.74 -8.02 -5.98
CA THR A 229 -10.19 -8.14 -5.95
C THR A 229 -10.66 -8.47 -4.51
N LEU A 230 -9.98 -9.42 -3.86
CA LEU A 230 -10.29 -9.77 -2.48
C LEU A 230 -10.14 -8.55 -1.56
N LEU A 231 -8.99 -7.88 -1.69
CA LEU A 231 -8.71 -6.71 -0.85
C LEU A 231 -9.76 -5.63 -1.01
N ALA A 233 -12.84 -5.99 -1.97
CA ALA A 233 -14.18 -6.52 -1.69
C ALA A 233 -14.99 -6.85 -2.94
N GLY A 234 -14.32 -6.96 -4.09
CA GLY A 234 -14.98 -7.42 -5.29
C GLY A 234 -15.28 -8.92 -5.25
N LYS A 235 -15.72 -9.46 -6.39
CA LYS A 235 -16.17 -10.84 -6.48
C LYS A 235 -15.13 -11.65 -7.20
N ASN A 236 -14.66 -12.72 -6.58
CA ASN A 236 -13.81 -13.69 -7.25
C ASN A 236 -14.62 -14.90 -7.76
N VAL A 237 -14.60 -15.12 -9.06
CA VAL A 237 -15.34 -16.18 -9.69
C VAL A 237 -14.32 -17.22 -10.06
N ILE A 238 -14.57 -18.46 -9.65
CA ILE A 238 -13.62 -19.51 -9.84
C ILE A 238 -14.01 -20.34 -11.04
N VAL A 239 -13.01 -20.82 -11.78
CA VAL A 239 -13.22 -21.85 -12.78
C VAL A 239 -12.10 -22.84 -12.58
N ARG A 240 -12.46 -24.12 -12.67
CA ARG A 240 -11.58 -25.23 -12.32
C ARG A 240 -10.46 -25.36 -13.34
N ARG A 241 -10.80 -25.20 -14.60
CA ARG A 241 -9.83 -25.27 -15.68
C ARG A 241 -10.34 -24.33 -16.76
N VAL A 242 -9.53 -24.07 -17.78
CA VAL A 242 -9.89 -23.13 -18.82
C VAL A 242 -10.47 -23.85 -20.00
N VAL A 243 -11.78 -23.77 -20.13
CA VAL A 243 -12.48 -24.28 -21.30
C VAL A 243 -13.25 -23.12 -21.88
N ALA A 244 -12.97 -22.80 -23.15
CA ALA A 244 -13.45 -21.57 -23.78
C ALA A 244 -14.94 -21.32 -23.60
N GLU A 245 -15.76 -22.33 -23.85
CA GLU A 245 -17.20 -22.14 -23.71
C GLU A 245 -17.65 -21.81 -22.30
N GLU A 246 -17.12 -22.55 -21.33
CA GLU A 246 -17.46 -22.35 -19.94
C GLU A 246 -17.01 -20.95 -19.48
N VAL A 247 -15.80 -20.55 -19.89
CA VAL A 247 -15.32 -19.18 -19.60
C VAL A 247 -16.30 -18.16 -20.14
N ARG A 248 -16.69 -18.29 -21.39
CA ARG A 248 -17.60 -17.33 -22.03
C ARG A 248 -18.91 -17.25 -21.25
N ASP A 249 -19.46 -18.41 -20.91
CA ASP A 249 -20.71 -18.43 -20.14
C ASP A 249 -20.53 -17.74 -18.78
N LEU A 250 -19.38 -17.91 -18.14
CA LEU A 250 -19.18 -17.32 -16.81
C LEU A 250 -18.96 -15.81 -16.93
N LEU A 251 -18.25 -15.37 -17.96
CA LEU A 251 -18.10 -13.91 -18.21
C LEU A 251 -19.46 -13.24 -18.25
N VAL A 252 -20.41 -13.91 -18.92
CA VAL A 252 -21.74 -13.35 -19.11
C VAL A 252 -22.55 -13.50 -17.83
N ALA A 253 -22.61 -14.70 -17.28
CA ALA A 253 -23.49 -14.96 -16.14
C ALA A 253 -23.08 -14.16 -14.92
N GLU A 254 -21.77 -14.03 -14.71
CA GLU A 254 -21.32 -13.31 -13.51
C GLU A 254 -20.95 -11.86 -13.79
N GLU A 255 -21.14 -11.40 -15.03
CA GLU A 255 -20.86 -10.03 -15.41
C GLU A 255 -19.42 -9.68 -15.03
N CYS A 256 -18.48 -10.51 -15.46
CA CYS A 256 -17.09 -10.31 -15.08
C CYS A 256 -16.52 -9.05 -15.72
N THR A 257 -15.69 -8.34 -14.97
CA THR A 257 -14.95 -7.20 -15.49
C THR A 257 -13.52 -7.58 -15.86
N HIS A 258 -12.99 -8.66 -15.28
CA HIS A 258 -11.62 -9.08 -15.54
C HIS A 258 -11.55 -10.60 -15.59
N ALA A 259 -10.56 -11.10 -16.32
CA ALA A 259 -10.26 -12.50 -16.43
C ALA A 259 -8.82 -12.66 -16.84
N PHE A 260 -8.23 -13.79 -16.40
CA PHE A 260 -6.85 -14.14 -16.71
C PHE A 260 -6.87 -15.02 -17.95
N LEU A 261 -6.59 -14.43 -19.10
CA LEU A 261 -6.76 -15.08 -20.41
C LEU A 261 -5.62 -14.73 -21.37
N PRO A 263 -3.56 -15.11 -25.17
CA PRO A 263 -4.10 -14.83 -26.51
C PRO A 263 -4.76 -16.04 -27.24
N PRO A 264 -4.22 -17.26 -27.10
CA PRO A 264 -4.92 -18.38 -27.76
C PRO A 264 -6.31 -18.63 -27.20
N THR A 265 -6.48 -18.47 -25.89
CA THR A 265 -7.79 -18.67 -25.29
C THR A 265 -8.74 -17.58 -25.74
N VAL A 266 -8.23 -16.35 -25.82
CA VAL A 266 -9.08 -15.25 -26.28
C VAL A 266 -9.63 -15.58 -27.67
N ALA A 267 -8.75 -15.99 -28.56
CA ALA A 267 -9.16 -16.31 -29.93
C ALA A 267 -10.23 -17.42 -29.94
N GLU A 268 -10.10 -18.44 -29.10
CA GLU A 268 -11.10 -19.53 -29.03
C GLU A 268 -12.43 -18.98 -28.58
N ILE A 269 -12.41 -18.11 -27.56
CA ILE A 269 -13.66 -17.54 -27.06
C ILE A 269 -14.36 -16.66 -28.08
N VAL A 270 -13.57 -15.85 -28.77
CA VAL A 270 -14.11 -14.96 -29.79
C VAL A 270 -14.74 -15.81 -30.91
N ARG A 271 -14.03 -16.83 -31.36
CA ARG A 271 -14.52 -17.68 -32.48
C ARG A 271 -15.88 -18.26 -32.10
N LEU A 272 -15.90 -18.83 -30.91
CA LEU A 272 -17.09 -19.41 -30.34
C LEU A 272 -18.24 -18.42 -30.10
N ASN A 273 -17.93 -17.19 -29.70
CA ASN A 273 -18.99 -16.23 -29.37
C ASN A 273 -19.53 -15.47 -30.58
N ARG A 274 -18.80 -15.54 -31.68
CA ARG A 274 -19.10 -14.68 -32.83
C ARG A 274 -20.51 -14.90 -33.35
N ASP A 275 -21.24 -13.80 -33.48
CA ASP A 275 -22.63 -13.79 -33.97
C ASP A 275 -23.64 -14.52 -33.06
N THR A 276 -23.29 -14.79 -31.80
CA THR A 276 -24.21 -15.45 -30.87
C THR A 276 -24.97 -14.44 -30.04
N GLY A 277 -24.59 -13.17 -30.12
CA GLY A 277 -25.27 -12.13 -29.35
C GLY A 277 -24.93 -12.04 -27.87
N HIS A 278 -24.06 -12.93 -27.35
CA HIS A 278 -23.68 -12.83 -25.94
C HIS A 278 -22.80 -11.59 -25.71
N ASP A 279 -23.24 -10.72 -24.81
CA ASP A 279 -22.60 -9.44 -24.60
C ASP A 279 -21.37 -9.56 -23.67
N LEU A 280 -20.17 -9.40 -24.21
CA LEU A 280 -18.96 -9.46 -23.39
C LEU A 280 -18.39 -8.09 -23.03
N SER A 281 -19.17 -7.05 -23.20
CA SER A 281 -18.66 -5.72 -23.17
C SER A 281 -18.24 -5.27 -21.76
N ARG A 282 -18.67 -5.98 -20.71
CA ARG A 282 -18.25 -5.61 -19.35
C ARG A 282 -16.81 -6.00 -19.08
N LEU A 283 -16.33 -7.02 -19.81
CA LEU A 283 -14.94 -7.45 -19.70
C LEU A 283 -13.94 -6.37 -20.12
N ARG A 284 -13.01 -6.05 -19.23
CA ARG A 284 -11.94 -5.10 -19.51
CA ARG A 284 -11.95 -5.10 -19.50
C ARG A 284 -10.73 -5.89 -19.96
N ALA A 285 -10.57 -5.96 -21.27
CA ALA A 285 -9.52 -6.76 -21.88
C ALA A 285 -8.14 -6.11 -21.69
N THR A 286 -7.22 -6.86 -21.07
CA THR A 286 -5.87 -6.40 -20.84
C THR A 286 -4.91 -7.02 -21.85
N VAL A 287 -4.97 -8.34 -21.96
CA VAL A 287 -4.08 -9.08 -22.84
C VAL A 287 -4.69 -9.18 -24.25
N ALA A 288 -3.87 -8.88 -25.24
CA ALA A 288 -4.26 -8.96 -26.64
C ALA A 288 -5.62 -8.37 -26.89
N PRO A 289 -5.80 -7.09 -26.52
CA PRO A 289 -7.13 -6.51 -26.63
C PRO A 289 -7.67 -6.52 -28.06
N HIS A 290 -6.76 -6.50 -29.03
CA HIS A 290 -7.17 -6.47 -30.42
C HIS A 290 -7.94 -7.71 -30.87
N LEU A 291 -7.68 -8.85 -30.24
CA LEU A 291 -8.36 -10.11 -30.62
C LEU A 291 -9.82 -10.16 -30.29
N TRP A 292 -10.31 -9.26 -29.43
CA TRP A 292 -11.71 -9.34 -28.99
C TRP A 292 -12.73 -8.81 -30.01
N GLU A 293 -12.25 -8.22 -31.10
CA GLU A 293 -13.10 -7.79 -32.18
C GLU A 293 -14.21 -6.88 -31.76
N GLY A 294 -13.98 -6.05 -30.75
CA GLY A 294 -15.01 -5.17 -30.25
C GLY A 294 -16.02 -5.82 -29.34
N ALA A 296 -15.34 -7.02 -26.24
CA ALA A 296 -14.97 -6.55 -24.91
C ALA A 296 -14.76 -5.04 -24.94
N THR A 297 -14.53 -4.45 -23.78
CA THR A 297 -14.04 -3.09 -23.68
C THR A 297 -12.55 -3.15 -23.38
N THR A 298 -11.74 -2.52 -24.22
CA THR A 298 -10.32 -2.49 -23.93
C THR A 298 -10.06 -1.79 -22.59
N ASP A 299 -9.26 -2.41 -21.73
CA ASP A 299 -8.90 -1.85 -20.45
C ASP A 299 -8.26 -0.48 -20.64
N THR A 300 -8.71 0.49 -19.86
CA THR A 300 -8.14 1.85 -19.82
C THR A 300 -7.21 2.09 -18.64
N SER A 301 -7.08 1.11 -17.75
CA SER A 301 -6.16 1.27 -16.62
C SER A 301 -4.70 1.35 -17.06
N ARG A 302 -3.85 1.79 -16.16
CA ARG A 302 -2.43 1.90 -16.45
C ARG A 302 -1.80 0.57 -16.82
N PHE A 303 -2.33 -0.52 -16.28
CA PHE A 303 -1.78 -1.83 -16.59
C PHE A 303 -1.71 -2.05 -18.09
N THR A 304 -2.79 -1.70 -18.78
CA THR A 304 -2.88 -1.95 -20.21
C THR A 304 -2.26 -0.79 -20.98
N ARG A 305 -2.53 0.43 -20.55
CA ARG A 305 -2.07 1.60 -21.32
C ARG A 305 -0.57 1.78 -21.28
N SER A 306 0.05 1.37 -20.19
CA SER A 306 1.51 1.46 -20.04
C SER A 306 2.29 0.47 -20.88
N GLY A 307 1.62 -0.58 -21.35
CA GLY A 307 2.33 -1.71 -21.97
C GLY A 307 2.64 -2.84 -21.00
N ALA A 308 2.32 -2.67 -19.71
CA ALA A 308 2.62 -3.71 -18.73
C ALA A 308 1.92 -5.03 -19.12
N ALA A 309 0.69 -4.92 -19.63
CA ALA A 309 -0.09 -6.09 -20.06
C ALA A 309 0.47 -6.78 -21.28
N ALA A 310 1.37 -6.11 -21.99
CA ALA A 310 2.10 -6.71 -23.08
C ALA A 310 3.50 -7.12 -22.69
N GLY A 311 3.84 -7.10 -21.40
CA GLY A 311 5.14 -7.56 -20.96
C GLY A 311 6.13 -6.51 -20.59
N ARG A 312 5.75 -5.23 -20.62
CA ARG A 312 6.66 -4.14 -20.23
C ARG A 312 6.75 -4.00 -18.73
N GLY A 313 7.56 -4.86 -18.16
CA GLY A 313 7.78 -4.87 -16.74
C GLY A 313 8.73 -5.99 -16.38
N TYR A 314 8.99 -6.13 -15.10
CA TYR A 314 9.92 -7.13 -14.64
C TYR A 314 9.45 -7.61 -13.28
N GLY A 315 9.53 -8.90 -13.07
CA GLY A 315 9.36 -9.41 -11.70
C GLY A 315 9.57 -10.90 -11.60
N GLN A 316 9.07 -11.47 -10.52
CA GLN A 316 9.11 -12.90 -10.27
C GLN A 316 8.28 -13.15 -9.01
N THR A 317 7.93 -14.42 -8.82
CA THR A 317 7.21 -14.89 -7.66
C THR A 317 7.80 -14.32 -6.35
N GLU A 318 9.12 -14.31 -6.29
CA GLU A 318 9.87 -13.89 -5.10
C GLU A 318 9.79 -12.38 -4.81
N LEU A 319 9.25 -11.61 -5.75
CA LEU A 319 8.94 -10.20 -5.56
C LEU A 319 7.43 -9.98 -5.55
N SER A 320 6.66 -11.01 -5.24
CA SER A 320 5.19 -10.98 -5.24
C SER A 320 4.67 -10.63 -6.64
N GLY A 321 5.38 -11.09 -7.67
CA GLY A 321 4.97 -10.89 -9.07
C GLY A 321 5.61 -9.75 -9.82
N PHE A 322 4.81 -9.08 -10.64
CA PHE A 322 5.28 -8.06 -11.57
C PHE A 322 5.46 -6.74 -10.78
N ALA A 323 6.64 -6.56 -10.18
CA ALA A 323 6.88 -5.48 -9.21
C ALA A 323 7.44 -4.24 -9.86
N VAL A 324 8.00 -4.42 -11.06
CA VAL A 324 8.51 -3.31 -11.85
C VAL A 324 7.68 -3.21 -13.13
N THR A 325 7.20 -2.02 -13.48
CA THR A 325 6.41 -1.90 -14.70
C THR A 325 6.58 -0.54 -15.29
N ALA A 326 6.29 -0.45 -16.58
CA ALA A 326 6.26 0.83 -17.29
C ALA A 326 5.14 1.77 -16.82
N ALA A 327 4.20 1.27 -16.03
CA ALA A 327 3.17 2.13 -15.42
C ALA A 327 3.68 2.98 -14.27
N TYR A 328 4.80 2.58 -13.65
CA TYR A 328 5.37 3.37 -12.56
C TYR A 328 6.40 4.34 -13.09
N GLY A 329 6.15 5.62 -12.89
CA GLY A 329 7.15 6.65 -13.18
C GLY A 329 7.14 7.20 -14.59
N GLY A 330 6.19 6.82 -15.42
CA GLY A 330 6.06 7.45 -16.74
C GLY A 330 6.92 6.81 -17.81
N PRO A 331 7.14 7.55 -18.92
CA PRO A 331 7.83 7.01 -20.12
C PRO A 331 9.19 6.44 -19.77
N ALA A 332 9.51 5.31 -20.37
CA ALA A 332 10.66 4.52 -20.00
C ALA A 332 11.39 4.07 -21.26
N ALA A 333 12.67 4.41 -21.38
CA ALA A 333 13.48 3.89 -22.48
C ALA A 333 13.73 2.40 -22.26
N GLY A 334 13.81 1.97 -21.02
CA GLY A 334 14.05 0.57 -20.74
C GLY A 334 12.79 -0.23 -20.90
N ASN A 335 12.94 -1.52 -21.21
CA ASN A 335 11.74 -2.34 -21.47
C ASN A 335 10.81 -2.59 -20.29
N ALA A 336 11.32 -2.49 -19.06
CA ALA A 336 10.55 -2.89 -17.87
C ALA A 336 9.98 -1.74 -17.04
N GLY A 337 10.40 -0.52 -17.29
CA GLY A 337 9.93 0.61 -16.52
C GLY A 337 10.65 0.76 -15.22
N ARG A 338 9.88 1.00 -14.14
CA ARG A 338 10.44 1.34 -12.83
C ARG A 338 9.71 0.62 -11.69
N PRO A 339 10.35 0.53 -10.52
CA PRO A 339 9.75 -0.19 -9.42
C PRO A 339 8.52 0.51 -8.88
N GLY A 340 7.53 -0.27 -8.48
CA GLY A 340 6.38 0.27 -7.81
C GLY A 340 6.75 0.65 -6.38
N PRO A 341 5.87 1.37 -5.69
CA PRO A 341 6.16 1.74 -4.32
C PRO A 341 6.20 0.46 -3.46
N GLY A 342 7.08 0.40 -2.48
CA GLY A 342 7.26 -0.91 -1.81
C GLY A 342 8.33 -1.84 -2.39
N LEU A 343 9.09 -1.34 -3.35
CA LEU A 343 10.25 -2.06 -3.81
C LEU A 343 11.33 -1.05 -4.17
N THR A 344 12.58 -1.32 -3.81
CA THR A 344 13.69 -0.62 -4.44
CA THR A 344 13.73 -0.61 -4.39
C THR A 344 14.60 -1.63 -5.15
N VAL A 345 15.24 -1.20 -6.23
CA VAL A 345 16.00 -2.10 -7.11
C VAL A 345 17.40 -1.55 -7.37
N ARG A 346 18.38 -2.45 -7.33
CA ARG A 346 19.72 -2.11 -7.77
C ARG A 346 20.25 -3.22 -8.67
N VAL A 347 20.99 -2.82 -9.69
CA VAL A 347 21.65 -3.75 -10.58
C VAL A 347 23.09 -3.89 -10.08
N LEU A 348 23.47 -5.08 -9.66
CA LEU A 348 24.76 -5.32 -8.98
C LEU A 348 25.73 -6.19 -9.82
N ASP A 349 27.00 -5.81 -9.85
CA ASP A 349 28.04 -6.65 -10.52
C ASP A 349 28.40 -7.83 -9.64
N THR A 350 29.28 -8.70 -10.11
CA THR A 350 29.55 -9.95 -9.39
C THR A 350 30.20 -9.71 -8.04
N ALA A 351 30.91 -8.58 -7.90
CA ALA A 351 31.48 -8.19 -6.61
C ALA A 351 30.46 -7.54 -5.66
N GLY A 352 29.20 -7.40 -6.07
CA GLY A 352 28.18 -6.77 -5.23
C GLY A 352 28.19 -5.26 -5.25
N ARG A 353 28.88 -4.65 -6.21
CA ARG A 353 28.88 -3.21 -6.36
C ARG A 353 27.86 -2.81 -7.42
N GLU A 354 27.26 -1.66 -7.21
CA GLU A 354 26.19 -1.21 -8.08
C GLU A 354 26.74 -0.91 -9.46
N CYS A 355 26.08 -1.39 -10.49
CA CYS A 355 26.51 -1.14 -11.84
C CYS A 355 26.26 0.29 -12.27
N ALA A 356 27.09 0.74 -13.21
CA ALA A 356 26.94 2.05 -13.82
C ALA A 356 25.79 2.03 -14.83
N VAL A 357 25.30 3.21 -15.18
CA VAL A 357 24.30 3.30 -16.23
C VAL A 357 24.75 2.44 -17.41
N GLY A 358 23.87 1.63 -17.97
CA GLY A 358 24.17 0.92 -19.23
C GLY A 358 24.88 -0.42 -19.06
N GLU A 359 25.38 -0.70 -17.88
CA GLU A 359 26.14 -1.91 -17.59
C GLU A 359 25.21 -3.01 -17.08
N ALA A 360 25.29 -4.18 -17.72
CA ALA A 360 24.51 -5.33 -17.34
C ALA A 360 24.98 -5.89 -16.02
N GLY A 361 24.03 -6.34 -15.20
CA GLY A 361 24.33 -6.91 -13.93
C GLY A 361 23.12 -7.66 -13.42
N GLU A 362 23.19 -8.10 -12.18
CA GLU A 362 22.10 -8.85 -11.60
C GLU A 362 21.11 -7.87 -10.96
N ILE A 363 19.85 -8.11 -11.27
CA ILE A 363 18.75 -7.40 -10.64
C ILE A 363 18.56 -7.88 -9.21
N CYS A 364 18.71 -6.93 -8.27
CA CYS A 364 18.50 -7.20 -6.86
C CYS A 364 17.48 -6.22 -6.27
N ALA A 365 16.83 -6.62 -5.20
CA ALA A 365 15.73 -5.83 -4.67
C ALA A 365 15.63 -5.85 -3.17
N ARG A 366 15.03 -4.79 -2.64
CA ARG A 366 14.65 -4.67 -1.21
C ARG A 366 13.28 -4.07 -1.12
N GLY A 367 12.51 -4.48 -0.13
CA GLY A 367 11.29 -3.78 0.21
C GLY A 367 10.15 -4.71 0.54
N THR A 368 8.94 -4.15 0.65
CA THR A 368 7.78 -4.80 1.23
C THR A 368 7.28 -5.97 0.43
N VAL A 369 7.43 -5.95 -0.90
CA VAL A 369 6.99 -7.08 -1.73
C VAL A 369 8.01 -8.21 -1.92
N VAL A 370 9.20 -8.06 -1.37
CA VAL A 370 10.18 -9.16 -1.39
C VAL A 370 9.73 -10.24 -0.42
N HIS A 371 9.78 -11.48 -0.87
CA HIS A 371 9.25 -12.61 -0.12
C HIS A 371 10.15 -12.87 1.09
N ARG A 372 9.74 -13.84 1.90
CA ARG A 372 10.46 -14.14 3.14
C ARG A 372 11.61 -15.11 2.90
N GLY A 373 11.76 -15.62 1.69
CA GLY A 373 12.79 -16.62 1.37
C GLY A 373 12.08 -17.89 0.97
N TYR A 374 12.85 -18.93 0.69
CA TYR A 374 12.25 -20.22 0.41
C TYR A 374 12.08 -21.09 1.66
N TRP A 375 11.02 -21.90 1.67
CA TRP A 375 10.86 -22.92 2.68
C TRP A 375 12.06 -23.89 2.74
N ASN A 376 12.61 -24.07 3.93
CA ASN A 376 13.60 -25.11 4.18
C ASN A 376 14.82 -24.98 3.27
N ARG A 377 15.36 -23.77 3.14
CA ARG A 377 16.55 -23.53 2.31
C ARG A 377 17.43 -22.49 2.96
N ASP A 378 17.91 -22.80 4.17
CA ASP A 378 18.57 -21.79 4.98
C ASP A 378 19.78 -21.20 4.27
N GLU A 379 20.61 -22.04 3.65
CA GLU A 379 21.82 -21.53 3.00
C GLU A 379 21.49 -20.80 1.68
N VAL A 380 20.56 -21.34 0.90
CA VAL A 380 20.12 -20.59 -0.30
C VAL A 380 19.64 -19.18 0.09
N ASN A 381 18.80 -19.13 1.12
CA ASN A 381 18.31 -17.85 1.59
C ASN A 381 19.45 -16.95 2.00
N ALA A 382 20.39 -17.48 2.80
CA ALA A 382 21.49 -16.65 3.29
C ALA A 382 22.30 -16.12 2.11
N HIS A 383 22.52 -16.96 1.12
CA HIS A 383 23.25 -16.53 -0.06
C HIS A 383 22.43 -15.52 -0.95
N ARG A 384 21.17 -15.82 -1.23
CA ARG A 384 20.39 -14.95 -2.16
C ARG A 384 19.94 -13.65 -1.48
N PHE A 385 19.99 -13.60 -0.15
CA PHE A 385 19.77 -12.33 0.56
C PHE A 385 21.04 -11.59 0.96
N ARG A 386 22.19 -11.99 0.45
CA ARG A 386 23.45 -11.45 0.97
C ARG A 386 23.57 -9.95 0.78
N SER A 387 24.14 -9.30 1.78
CA SER A 387 24.25 -7.85 1.88
C SER A 387 22.93 -7.14 2.02
N GLY A 388 21.89 -7.86 2.41
CA GLY A 388 20.57 -7.26 2.59
C GLY A 388 19.84 -6.95 1.29
N TRP A 389 20.21 -7.61 0.18
CA TRP A 389 19.47 -7.48 -1.07
C TRP A 389 19.08 -8.87 -1.55
N TRP A 390 17.85 -8.99 -2.04
CA TRP A 390 17.42 -10.24 -2.68
C TRP A 390 18.01 -10.28 -4.07
N HIS A 391 18.66 -11.38 -4.41
CA HIS A 391 19.30 -11.56 -5.69
C HIS A 391 18.38 -12.36 -6.57
N THR A 392 17.91 -11.78 -7.66
CA THR A 392 16.88 -12.44 -8.49
C THR A 392 17.39 -13.56 -9.42
N THR A 393 18.67 -13.52 -9.75
CA THR A 393 19.33 -14.34 -10.79
C THR A 393 19.00 -13.83 -12.22
N ASP A 394 18.30 -12.70 -12.33
CA ASP A 394 17.97 -12.16 -13.64
C ASP A 394 18.94 -11.05 -13.95
N LEU A 395 19.21 -10.85 -15.24
CA LEU A 395 20.14 -9.83 -15.71
C LEU A 395 19.35 -8.63 -16.18
N GLY A 396 19.86 -7.45 -15.86
CA GLY A 396 19.27 -6.20 -16.32
C GLY A 396 20.28 -5.09 -16.31
N ARG A 397 19.80 -3.90 -16.63
CA ARG A 397 20.59 -2.67 -16.56
C ARG A 397 19.69 -1.45 -16.37
N ARG A 398 20.27 -0.35 -15.89
CA ARG A 398 19.61 0.93 -15.90
C ARG A 398 19.96 1.69 -17.16
N GLU A 399 18.95 2.29 -17.77
CA GLU A 399 19.12 3.17 -18.90
C GLU A 399 19.46 4.58 -18.39
N PRO A 400 19.96 5.47 -19.27
CA PRO A 400 20.23 6.85 -18.84
C PRO A 400 19.03 7.59 -18.24
N ASP A 401 17.81 7.28 -18.69
CA ASP A 401 16.63 7.89 -18.10
C ASP A 401 16.24 7.31 -16.75
N GLY A 402 17.02 6.37 -16.21
CA GLY A 402 16.76 5.79 -14.92
C GLY A 402 15.87 4.54 -14.94
N SER A 403 15.18 4.29 -16.05
CA SER A 403 14.35 3.08 -16.19
C SER A 403 15.19 1.81 -16.30
N LEU A 404 14.51 0.69 -16.12
CA LEU A 404 15.16 -0.61 -16.06
C LEU A 404 14.88 -1.41 -17.31
N THR A 405 15.89 -2.18 -17.74
CA THR A 405 15.76 -3.14 -18.81
C THR A 405 16.05 -4.52 -18.26
N PHE A 406 15.13 -5.45 -18.49
CA PHE A 406 15.31 -6.87 -18.22
C PHE A 406 15.94 -7.50 -19.45
N LEU A 407 17.13 -8.07 -19.28
CA LEU A 407 17.93 -8.54 -20.41
C LEU A 407 17.71 -10.03 -20.66
N GLY A 408 17.61 -10.84 -19.61
CA GLY A 408 17.56 -12.31 -19.72
C GLY A 408 17.86 -12.94 -18.36
N THR A 409 17.73 -14.26 -18.28
CA THR A 409 18.06 -15.00 -17.07
C THR A 409 19.54 -15.37 -17.01
N THR A 410 20.02 -15.74 -15.83
CA THR A 410 21.34 -16.33 -15.73
C THR A 410 21.25 -17.84 -15.54
N THR A 411 20.06 -18.42 -15.69
CA THR A 411 19.83 -19.82 -15.34
C THR A 411 19.40 -20.66 -16.54
N ARG A 412 19.35 -20.07 -17.74
CA ARG A 412 18.94 -20.84 -18.90
CA ARG A 412 18.90 -20.74 -18.95
C ARG A 412 17.46 -21.24 -18.83
N LEU A 414 13.63 -21.66 -19.43
CA LEU A 414 12.76 -21.52 -20.59
C LEU A 414 11.40 -21.03 -20.15
N LYS A 415 10.66 -20.42 -21.08
CA LYS A 415 9.20 -20.28 -20.96
C LYS A 415 8.53 -20.86 -22.18
N SER A 416 7.53 -21.70 -21.92
CA SER A 416 6.84 -22.45 -22.97
C SER A 416 5.40 -22.55 -22.54
N ALA A 417 4.47 -22.12 -23.40
CA ALA A 417 3.04 -22.24 -23.12
C ALA A 417 2.64 -21.66 -21.75
N ALA A 418 3.18 -20.49 -21.43
CA ALA A 418 2.92 -19.85 -20.14
C ALA A 418 3.35 -20.67 -18.90
N GLU A 419 4.33 -21.55 -19.06
CA GLU A 419 4.92 -22.20 -17.93
C GLU A 419 6.40 -21.90 -17.94
N ASN A 420 7.05 -22.03 -16.78
CA ASN A 420 8.49 -21.94 -16.68
C ASN A 420 9.05 -23.33 -16.71
N ILE A 421 10.16 -23.51 -17.42
CA ILE A 421 10.80 -24.81 -17.44
C ILE A 421 12.27 -24.61 -17.25
N PHE A 422 12.81 -25.25 -16.22
CA PHE A 422 14.19 -25.15 -15.91
C PHE A 422 14.91 -26.36 -16.50
N PRO A 423 15.99 -26.13 -17.24
CA PRO A 423 16.66 -27.23 -17.93
C PRO A 423 17.06 -28.41 -17.06
N ALA A 424 17.57 -28.12 -15.86
CA ALA A 424 18.03 -29.21 -14.99
C ALA A 424 16.92 -30.21 -14.58
N GLU A 425 15.66 -29.76 -14.46
CA GLU A 425 14.54 -30.67 -14.16
C GLU A 425 14.41 -31.70 -15.27
N VAL A 426 14.54 -31.25 -16.51
CA VAL A 426 14.31 -32.11 -17.65
C VAL A 426 15.55 -32.96 -17.89
N GLU A 427 16.70 -32.34 -17.77
CA GLU A 427 17.97 -33.06 -17.90
C GLU A 427 18.08 -34.19 -16.90
N ASN A 428 17.75 -33.94 -15.64
CA ASN A 428 17.89 -34.99 -14.62
C ASN A 428 16.96 -36.14 -14.91
N CYS A 429 15.79 -35.80 -15.41
CA CYS A 429 14.80 -36.82 -15.72
C CYS A 429 15.32 -37.75 -16.83
N ILE A 430 15.79 -37.16 -17.91
CA ILE A 430 16.30 -37.90 -19.05
C ILE A 430 17.54 -38.74 -18.67
N GLU A 431 18.40 -38.17 -17.83
CA GLU A 431 19.62 -38.87 -17.41
C GLU A 431 19.37 -40.06 -16.49
N GLN A 432 18.19 -40.12 -15.86
CA GLN A 432 17.79 -41.32 -15.15
C GLN A 432 17.70 -42.53 -16.09
N HIS A 433 17.48 -42.29 -17.36
CA HIS A 433 17.41 -43.39 -18.29
C HIS A 433 18.79 -44.08 -18.39
N PRO A 434 18.82 -45.42 -18.30
CA PRO A 434 20.09 -46.15 -18.31
C PRO A 434 20.87 -46.04 -19.61
N ALA A 435 20.20 -45.83 -20.72
CA ALA A 435 20.86 -45.62 -21.98
C ALA A 435 21.49 -44.21 -22.15
N VAL A 436 21.14 -43.26 -21.29
CA VAL A 436 21.57 -41.87 -21.45
C VAL A 436 22.73 -41.56 -20.53
N ARG A 437 23.84 -41.17 -21.14
CA ARG A 437 25.00 -40.71 -20.42
C ARG A 437 24.84 -39.24 -20.00
N GLU A 438 24.45 -38.38 -20.93
CA GLU A 438 24.23 -36.96 -20.61
C GLU A 438 23.09 -36.40 -21.42
N ALA A 439 22.44 -35.38 -20.88
CA ALA A 439 21.36 -34.65 -21.57
C ALA A 439 21.49 -33.17 -21.26
N ALA A 440 21.40 -32.35 -22.31
CA ALA A 440 21.36 -30.92 -22.17
C ALA A 440 20.05 -30.46 -22.78
N VAL A 441 19.35 -29.57 -22.09
CA VAL A 441 18.04 -29.11 -22.53
C VAL A 441 18.10 -27.62 -22.86
N ILE A 442 17.59 -27.28 -24.03
CA ILE A 442 17.50 -25.90 -24.47
C ILE A 442 16.07 -25.63 -24.89
N GLY A 443 15.81 -24.38 -25.19
CA GLY A 443 14.54 -23.98 -25.76
C GLY A 443 14.74 -23.48 -27.17
N VAL A 444 13.81 -23.81 -28.03
CA VAL A 444 13.80 -23.37 -29.42
C VAL A 444 12.51 -22.57 -29.66
N PRO A 445 12.52 -21.63 -30.64
CA PRO A 445 11.31 -20.82 -30.86
C PRO A 445 10.10 -21.66 -31.22
N ASN A 446 9.02 -21.44 -30.50
CA ASN A 446 7.73 -22.04 -30.81
C ASN A 446 7.12 -21.23 -31.97
N THR A 447 6.24 -21.84 -32.76
CA THR A 447 5.76 -21.15 -33.97
C THR A 447 4.93 -19.90 -33.66
N ARG A 448 4.29 -19.86 -32.49
CA ARG A 448 3.45 -18.73 -32.14
C ARG A 448 4.15 -17.81 -31.18
N TRP A 449 4.60 -18.34 -30.03
CA TRP A 449 5.17 -17.53 -28.98
C TRP A 449 6.00 -18.36 -27.99
N ALA A 450 7.11 -17.75 -27.57
CA ALA A 450 7.95 -18.30 -26.54
C ALA A 450 8.59 -19.60 -27.09
N GLN A 451 8.76 -20.64 -26.27
CA GLN A 451 9.64 -21.78 -26.66
C GLN A 451 9.01 -23.16 -26.61
N ASP A 452 9.63 -24.09 -27.34
CA ASP A 452 9.46 -25.53 -27.17
C ASP A 452 10.71 -26.09 -26.48
N VAL A 453 10.52 -27.12 -25.68
CA VAL A 453 11.63 -27.84 -25.05
C VAL A 453 12.34 -28.74 -26.06
N LYS A 454 13.67 -28.71 -26.07
CA LYS A 454 14.46 -29.62 -26.90
C LYS A 454 15.61 -30.22 -26.07
N ALA A 455 15.91 -31.49 -26.27
CA ALA A 455 17.02 -32.11 -25.56
C ALA A 455 18.09 -32.53 -26.56
N VAL A 456 19.35 -32.41 -26.12
CA VAL A 456 20.52 -32.93 -26.86
C VAL A 456 21.10 -34.00 -25.95
N VAL A 457 21.21 -35.21 -26.48
CA VAL A 457 21.45 -36.38 -25.67
C VAL A 457 22.69 -37.13 -26.15
N VAL A 458 23.52 -37.51 -25.19
CA VAL A 458 24.67 -38.38 -25.43
C VAL A 458 24.34 -39.76 -24.86
N LEU A 459 24.28 -40.75 -25.74
CA LEU A 459 23.98 -42.14 -25.30
C LEU A 459 25.17 -42.85 -24.71
N GLU A 460 24.93 -43.78 -23.79
CA GLU A 460 25.98 -44.68 -23.30
C GLU A 460 26.50 -45.50 -24.47
N PRO A 461 27.75 -45.93 -24.37
CA PRO A 461 28.29 -46.70 -25.46
C PRO A 461 27.53 -48.01 -25.61
N ASP A 462 27.21 -48.38 -26.85
CA ASP A 462 26.50 -49.61 -27.15
C ASP A 462 25.04 -49.59 -26.66
N ALA A 463 24.56 -48.44 -26.18
CA ALA A 463 23.14 -48.31 -25.90
C ALA A 463 22.49 -47.65 -27.10
N GLY A 464 21.18 -47.75 -27.16
CA GLY A 464 20.44 -47.22 -28.28
C GLY A 464 18.98 -47.01 -27.85
N VAL A 465 18.50 -45.80 -27.99
CA VAL A 465 17.13 -45.46 -27.69
C VAL A 465 16.79 -44.31 -28.64
N SER A 466 15.55 -44.24 -29.08
CA SER A 466 15.11 -43.27 -30.08
C SER A 466 14.64 -41.95 -29.44
N GLU A 467 14.46 -40.95 -30.29
CA GLU A 467 13.89 -39.68 -29.87
C GLU A 467 12.55 -39.91 -29.11
N GLN A 468 11.70 -40.74 -29.67
CA GLN A 468 10.36 -40.95 -29.09
C GLN A 468 10.44 -41.65 -27.76
N GLU A 469 11.34 -42.61 -27.66
CA GLU A 469 11.53 -43.30 -26.37
C GLU A 469 12.04 -42.36 -25.26
N ILE A 470 12.90 -41.42 -25.62
CA ILE A 470 13.38 -40.43 -24.67
C ILE A 470 12.20 -39.56 -24.23
N ILE A 471 11.45 -39.04 -25.17
CA ILE A 471 10.29 -38.23 -24.82
C ILE A 471 9.32 -39.00 -23.90
N ASP A 472 8.97 -40.23 -24.31
CA ASP A 472 7.96 -41.02 -23.58
C ASP A 472 8.47 -41.42 -22.19
N HIS A 473 9.78 -41.67 -22.06
CA HIS A 473 10.41 -41.85 -20.75
C HIS A 473 10.05 -40.74 -19.75
N CYS A 474 9.88 -39.51 -20.23
CA CYS A 474 9.54 -38.39 -19.33
C CYS A 474 8.09 -38.46 -18.80
N ARG A 475 7.20 -39.18 -19.47
CA ARG A 475 5.77 -39.11 -19.13
C ARG A 475 5.43 -39.40 -17.67
N PRO A 476 5.97 -40.47 -17.10
CA PRO A 476 5.64 -40.72 -15.68
C PRO A 476 6.38 -39.85 -14.68
N ARG A 477 7.32 -39.03 -15.14
CA ARG A 477 8.33 -38.47 -14.26
C ARG A 477 8.24 -36.99 -14.06
N ILE A 478 7.86 -36.25 -15.09
CA ILE A 478 7.78 -34.77 -14.99
C ILE A 478 6.51 -34.31 -15.65
N ALA A 479 6.11 -33.09 -15.29
CA ALA A 479 4.88 -32.54 -15.81
C ALA A 479 4.90 -32.59 -17.34
N SER A 480 3.74 -32.82 -17.90
CA SER A 480 3.61 -33.04 -19.32
C SER A 480 4.23 -31.96 -20.16
N TYR A 481 4.05 -30.71 -19.72
CA TYR A 481 4.56 -29.55 -20.45
C TYR A 481 6.10 -29.38 -20.41
N LYS A 482 6.76 -30.13 -19.55
CA LYS A 482 8.22 -30.06 -19.45
C LYS A 482 8.97 -30.98 -20.41
N LYS A 483 8.27 -31.90 -21.06
CA LYS A 483 8.94 -32.94 -21.87
C LYS A 483 9.57 -32.28 -23.07
N PRO A 484 10.69 -32.80 -23.57
CA PRO A 484 11.15 -32.34 -24.88
C PRO A 484 10.13 -32.63 -25.94
N LYS A 485 10.05 -31.75 -26.92
CA LYS A 485 9.26 -32.00 -28.11
C LYS A 485 10.13 -32.53 -29.22
N SER A 486 11.45 -32.38 -29.11
CA SER A 486 12.37 -33.03 -30.04
C SER A 486 13.65 -33.35 -29.29
N VAL A 487 14.37 -34.31 -29.82
CA VAL A 487 15.60 -34.74 -29.24
C VAL A 487 16.62 -34.88 -30.38
N ALA A 488 17.81 -34.30 -30.18
CA ALA A 488 18.95 -34.52 -31.07
C ALA A 488 19.95 -35.38 -30.30
N PHE A 489 20.73 -36.18 -31.03
CA PHE A 489 21.74 -37.03 -30.45
C PHE A 489 23.13 -36.57 -30.89
N ALA A 490 24.09 -36.64 -29.98
CA ALA A 490 25.46 -36.25 -30.25
C ALA A 490 26.39 -37.21 -29.53
N ALA A 491 27.61 -37.31 -30.03
CA ALA A 491 28.68 -38.07 -29.38
C ALA A 491 29.24 -37.33 -28.21
N ALA A 492 29.17 -36.00 -28.23
CA ALA A 492 29.65 -35.18 -27.12
C ALA A 492 28.92 -33.86 -27.11
N LEU A 493 28.79 -33.26 -25.95
CA LEU A 493 28.22 -31.94 -25.83
C LEU A 493 29.33 -30.89 -25.99
N PRO A 494 29.02 -29.73 -26.58
CA PRO A 494 30.01 -28.64 -26.66
C PRO A 494 30.45 -28.18 -25.30
N ARG A 495 31.73 -27.84 -25.18
CA ARG A 495 32.31 -27.41 -23.93
C ARG A 495 33.00 -26.08 -24.06
N THR A 496 32.96 -25.27 -23.02
CA THR A 496 33.73 -24.05 -23.02
C THR A 496 35.22 -24.44 -22.81
N VAL A 497 36.10 -23.44 -22.76
CA VAL A 497 37.52 -23.69 -22.44
C VAL A 497 37.63 -24.36 -21.05
N SER A 498 36.75 -23.93 -20.13
CA SER A 498 36.69 -24.50 -18.79
C SER A 498 36.10 -25.91 -18.67
N GLY A 499 35.59 -26.48 -19.75
CA GLY A 499 34.97 -27.79 -19.67
C GLY A 499 33.53 -27.74 -19.16
N ALA A 500 33.02 -26.56 -18.83
CA ALA A 500 31.56 -26.40 -18.64
C ALA A 500 30.79 -26.66 -19.94
N ARG A 501 29.54 -27.12 -19.81
CA ARG A 501 28.67 -27.24 -20.97
C ARG A 501 28.55 -25.88 -21.58
N ASP A 502 28.71 -25.81 -22.88
CA ASP A 502 28.55 -24.55 -23.60
C ASP A 502 27.12 -24.45 -24.15
N TYR A 503 26.24 -23.89 -23.36
CA TYR A 503 24.83 -23.72 -23.73
C TYR A 503 24.64 -22.72 -24.88
N ASP A 504 25.52 -21.70 -24.97
CA ASP A 504 25.53 -20.81 -26.14
C ASP A 504 25.81 -21.57 -27.42
N ALA A 505 26.80 -22.46 -27.38
CA ALA A 505 27.09 -23.25 -28.55
C ALA A 505 25.97 -24.28 -28.83
N LEU A 506 25.32 -24.81 -27.80
CA LEU A 506 24.19 -25.73 -28.05
C LEU A 506 23.06 -24.98 -28.76
N ASP A 507 22.74 -23.78 -28.27
CA ASP A 507 21.71 -22.95 -28.90
C ASP A 507 22.05 -22.66 -30.38
N LYS A 508 23.29 -22.26 -30.60
CA LYS A 508 23.74 -21.96 -31.93
C LYS A 508 23.67 -23.18 -32.85
N GLU A 509 24.11 -24.34 -32.41
CA GLU A 509 24.12 -25.53 -33.28
C GLU A 509 22.76 -26.26 -33.39
N TYR A 510 21.88 -26.14 -32.40
CA TYR A 510 20.67 -26.98 -32.39
C TYR A 510 19.38 -26.19 -32.47
N GLY A 511 19.48 -24.92 -32.83
CA GLY A 511 18.29 -24.12 -33.11
C GLY A 511 17.71 -23.41 -31.91
N GLY A 512 18.50 -23.24 -30.86
CA GLY A 512 17.98 -22.61 -29.66
C GLY A 512 17.63 -21.14 -29.87
N GLY A 513 16.68 -20.63 -29.09
CA GLY A 513 16.30 -19.21 -29.15
C GLY A 513 14.95 -19.01 -28.48
N GLY A 514 14.53 -17.77 -28.39
CA GLY A 514 13.27 -17.39 -27.83
C GLY A 514 13.23 -17.35 -26.30
N TYR A 515 14.38 -17.23 -25.64
CA TYR A 515 14.42 -17.24 -24.19
C TYR A 515 13.83 -15.94 -23.62
N PRO A 516 13.27 -16.00 -22.40
CA PRO A 516 12.72 -14.81 -21.76
C PRO A 516 13.76 -13.73 -21.65
N GLY A 517 13.40 -12.52 -22.01
CA GLY A 517 14.35 -11.43 -21.94
C GLY A 517 14.00 -10.40 -22.97
N ALA A 518 14.92 -9.49 -23.20
CA ALA A 518 14.63 -8.28 -23.96
C ALA A 518 13.96 -8.56 -25.31
N ALA A 519 14.29 -9.68 -25.95
CA ALA A 519 13.65 -10.07 -27.23
C ALA A 519 12.33 -10.85 -27.08
N THR A 520 12.02 -11.36 -25.91
CA THR A 520 10.79 -12.13 -25.76
C THR A 520 10.15 -11.82 -24.41
N LEU A 521 9.34 -10.77 -24.41
CA LEU A 521 8.73 -10.27 -23.19
C LEU A 521 7.25 -10.48 -23.27
N GLY A 522 6.62 -10.82 -22.16
CA GLY A 522 5.17 -10.77 -22.14
C GLY A 522 4.50 -12.00 -22.71
N PRO A 523 3.19 -11.93 -22.84
CA PRO A 523 2.37 -13.07 -23.17
C PRO A 523 2.25 -13.31 -24.67
N GLY A 524 2.88 -12.48 -25.47
CA GLY A 524 2.73 -12.61 -26.92
C GLY A 524 1.40 -12.13 -27.48
N ARG A 525 1.10 -12.64 -28.67
CA ARG A 525 -0.07 -12.28 -29.44
C ARG A 525 -0.71 -13.55 -29.97
N HIS B 6 11.34 -4.05 4.78
CA HIS B 6 10.16 -3.10 4.71
C HIS B 6 10.61 -1.70 4.22
N THR B 7 9.80 -1.08 3.39
CA THR B 7 10.12 0.21 2.78
C THR B 7 10.04 1.34 3.83
N THR B 8 11.00 2.27 3.75
CA THR B 8 11.07 3.46 4.58
C THR B 8 11.01 4.69 3.69
N ILE B 9 10.81 5.85 4.31
CA ILE B 9 10.86 7.13 3.61
C ILE B 9 12.20 7.32 2.89
N GLY B 10 13.30 6.94 3.51
CA GLY B 10 14.59 7.07 2.85
C GLY B 10 14.67 6.22 1.60
N ASP B 11 14.01 5.05 1.62
CA ASP B 11 13.97 4.20 0.41
C ASP B 11 13.29 4.85 -0.77
N VAL B 12 12.33 5.72 -0.51
CA VAL B 12 11.63 6.41 -1.59
C VAL B 12 12.63 7.31 -2.31
N LEU B 13 13.39 8.06 -1.53
CA LEU B 13 14.40 8.94 -2.12
C LEU B 13 15.51 8.15 -2.80
N ARG B 14 15.93 7.05 -2.21
CA ARG B 14 17.03 6.28 -2.79
C ARG B 14 16.59 5.73 -4.14
N GLU B 15 15.33 5.32 -4.23
CA GLU B 15 14.80 4.76 -5.48
C GLU B 15 14.63 5.86 -6.52
N HIS B 16 13.98 6.96 -6.16
CA HIS B 16 13.78 8.05 -7.13
C HIS B 16 15.09 8.66 -7.64
N ARG B 17 16.14 8.69 -6.82
CA ARG B 17 17.41 9.24 -7.33
C ARG B 17 17.91 8.34 -8.47
N ARG B 18 17.62 7.05 -8.40
CA ARG B 18 18.07 6.13 -9.48
C ARG B 18 17.14 6.12 -10.65
N SER B 19 15.84 6.14 -10.38
CA SER B 19 14.82 5.99 -11.43
C SER B 19 14.47 7.26 -12.15
N HIS B 20 14.71 8.41 -11.52
CA HIS B 20 14.32 9.70 -12.08
C HIS B 20 15.44 10.72 -12.00
N PRO B 21 16.58 10.39 -12.58
CA PRO B 21 17.78 11.21 -12.44
C PRO B 21 17.63 12.68 -12.79
N GLY B 22 16.84 13.01 -13.81
CA GLY B 22 16.75 14.41 -14.19
C GLY B 22 15.40 15.08 -13.89
N ARG B 23 14.52 14.42 -13.16
CA ARG B 23 13.21 15.00 -12.86
C ARG B 23 13.29 15.87 -11.63
N THR B 24 12.49 16.92 -11.67
CA THR B 24 12.35 17.87 -10.57
C THR B 24 11.45 17.31 -9.48
N ALA B 25 11.99 17.22 -8.27
CA ALA B 25 11.27 16.71 -7.11
C ALA B 25 10.59 17.81 -6.32
N LEU B 26 11.28 18.93 -6.17
CA LEU B 26 10.82 20.02 -5.30
C LEU B 26 11.13 21.35 -5.93
N VAL B 27 10.19 22.27 -5.83
CA VAL B 27 10.38 23.66 -6.21
C VAL B 27 9.96 24.53 -5.03
N ASP B 28 10.79 25.50 -4.67
CA ASP B 28 10.48 26.42 -3.56
C ASP B 28 11.18 27.76 -3.86
N GLY B 29 10.43 28.75 -4.36
CA GLY B 29 11.04 30.03 -4.80
C GLY B 29 12.06 29.72 -5.91
N PRO B 30 13.29 30.19 -5.78
CA PRO B 30 14.29 29.84 -6.82
C PRO B 30 14.89 28.42 -6.67
N VAL B 31 14.61 27.71 -5.58
CA VAL B 31 15.19 26.39 -5.37
C VAL B 31 14.45 25.38 -6.23
N ARG B 32 15.19 24.64 -7.06
CA ARG B 32 14.66 23.51 -7.81
C ARG B 32 15.57 22.34 -7.62
N LEU B 33 15.07 21.23 -7.11
CA LEU B 33 15.90 20.08 -6.86
C LEU B 33 15.41 18.86 -7.62
N THR B 34 16.35 18.20 -8.32
CA THR B 34 16.07 16.91 -8.91
C THR B 34 16.13 15.84 -7.81
N TRP B 35 15.65 14.64 -8.11
CA TRP B 35 15.71 13.56 -7.10
C TRP B 35 17.11 13.26 -6.57
N PRO B 36 18.13 13.17 -7.45
CA PRO B 36 19.49 13.01 -6.95
C PRO B 36 20.00 14.20 -6.13
N GLU B 37 19.69 15.41 -6.53
CA GLU B 37 20.11 16.59 -5.78
C GLU B 37 19.49 16.61 -4.40
N LEU B 38 18.23 16.21 -4.33
CA LEU B 38 17.52 16.12 -3.05
C LEU B 38 18.13 15.06 -2.17
N ASP B 39 18.34 13.87 -2.70
CA ASP B 39 18.89 12.80 -1.87
C ASP B 39 20.32 13.12 -1.40
N ASP B 40 21.12 13.74 -2.25
CA ASP B 40 22.46 14.19 -1.83
C ASP B 40 22.34 15.15 -0.65
N ARG B 41 21.44 16.13 -0.73
CA ARG B 41 21.30 17.10 0.34
C ARG B 41 20.82 16.43 1.62
N VAL B 42 19.91 15.47 1.47
CA VAL B 42 19.41 14.71 2.61
C VAL B 42 20.50 13.91 3.30
N ASN B 43 21.42 13.36 2.49
CA ASN B 43 22.53 12.62 3.01
C ASN B 43 23.53 13.52 3.74
N ARG B 44 23.85 14.69 3.20
CA ARG B 44 24.70 15.65 3.92
C ARG B 44 24.04 16.11 5.22
N LEU B 45 22.76 16.40 5.14
CA LEU B 45 22.00 16.78 6.33
C LEU B 45 22.06 15.67 7.36
N ALA B 46 21.84 14.41 6.96
CA ALA B 46 21.86 13.32 7.94
C ALA B 46 23.26 13.16 8.59
N GLY B 47 24.29 13.44 7.80
CA GLY B 47 25.65 13.39 8.30
C GLY B 47 25.82 14.42 9.40
N SER B 48 25.40 15.65 9.14
CA SER B 48 25.55 16.70 10.13
C SER B 48 24.64 16.47 11.34
N LEU B 49 23.45 15.91 11.12
CA LEU B 49 22.58 15.57 12.24
C LEU B 49 23.27 14.56 13.16
N ALA B 50 23.78 13.50 12.54
CA ALA B 50 24.43 12.44 13.28
C ALA B 50 25.65 12.98 14.02
N ALA B 51 26.43 13.82 13.36
CA ALA B 51 27.63 14.38 13.98
C ALA B 51 27.29 15.29 15.16
N SER B 52 26.10 15.87 15.17
CA SER B 52 25.68 16.67 16.32
C SER B 52 25.00 15.80 17.38
N GLY B 53 24.94 14.50 17.16
CA GLY B 53 24.44 13.57 18.16
C GLY B 53 23.02 13.09 17.97
N ILE B 54 22.41 13.39 16.82
CA ILE B 54 21.08 12.86 16.53
C ILE B 54 21.16 11.41 16.07
N GLY B 55 20.47 10.52 16.78
CA GLY B 55 20.27 9.12 16.33
C GLY B 55 18.84 8.62 16.50
N ARG B 56 18.69 7.32 16.69
CA ARG B 56 17.38 6.68 16.74
C ARG B 56 16.57 7.21 17.90
N GLY B 57 15.36 7.68 17.64
CA GLY B 57 14.49 8.18 18.70
C GLY B 57 14.71 9.64 19.01
N ASP B 58 15.71 10.27 18.39
CA ASP B 58 15.96 11.68 18.68
C ASP B 58 14.99 12.57 17.89
N ARG B 59 14.93 13.84 18.28
CA ARG B 59 13.81 14.69 17.96
C ARG B 59 14.25 16.04 17.46
N ILE B 60 13.65 16.46 16.34
CA ILE B 60 13.89 17.75 15.73
C ILE B 60 12.56 18.51 15.62
N TRP B 62 10.62 21.69 13.84
CA TRP B 62 10.57 22.72 12.81
C TRP B 62 9.60 23.82 13.23
N LEU B 63 10.07 25.07 13.23
CA LEU B 63 9.26 26.23 13.66
C LEU B 63 9.40 27.29 12.57
N GLY B 64 8.74 27.01 11.47
CA GLY B 64 8.91 27.75 10.24
C GLY B 64 7.62 27.57 9.48
N GLN B 65 7.49 28.26 8.36
CA GLN B 65 6.38 28.05 7.46
C GLN B 65 6.72 26.88 6.53
N ASN B 66 5.95 26.66 5.47
CA ASN B 66 6.28 25.54 4.61
C ASN B 66 7.60 25.84 3.93
N SER B 67 8.40 24.79 3.75
CA SER B 67 9.66 24.90 3.01
C SER B 67 10.06 23.55 2.44
N PHE B 68 10.84 23.56 1.38
CA PHE B 68 11.44 22.33 0.86
C PHE B 68 12.26 21.64 1.94
N ARG B 69 12.79 22.43 2.86
CA ARG B 69 13.62 21.92 3.93
C ARG B 69 12.84 21.03 4.88
N VAL B 70 11.51 21.16 4.91
CA VAL B 70 10.72 20.26 5.78
C VAL B 70 10.77 18.85 5.26
N TYR B 71 10.65 18.70 3.93
CA TYR B 71 10.80 17.39 3.32
C TYR B 71 12.24 16.85 3.55
N GLU B 72 13.24 17.71 3.41
CA GLU B 72 14.62 17.29 3.60
C GLU B 72 14.82 16.77 5.00
N LEU B 73 14.29 17.51 5.98
CA LEU B 73 14.45 17.11 7.38
C LEU B 73 13.73 15.80 7.71
N ILE B 74 12.52 15.63 7.20
CA ILE B 74 11.80 14.39 7.45
C ILE B 74 12.58 13.21 6.89
N ALA B 75 13.08 13.34 5.66
CA ALA B 75 13.81 12.24 5.04
C ALA B 75 15.14 11.97 5.75
N ALA B 76 15.86 13.03 6.14
CA ALA B 76 17.15 12.88 6.84
C ALA B 76 17.00 12.26 8.23
N ALA B 77 16.08 12.80 9.01
CA ALA B 77 15.68 12.19 10.27
C ALA B 77 15.30 10.73 10.09
N GLY B 78 14.50 10.46 9.06
CA GLY B 78 14.03 9.12 8.80
C GLY B 78 15.18 8.15 8.52
N LYS B 79 16.23 8.60 7.83
CA LYS B 79 17.40 7.76 7.55
C LYS B 79 18.25 7.46 8.82
N LEU B 80 18.07 8.24 9.88
CA LEU B 80 18.70 8.00 11.16
C LEU B 80 17.75 7.39 12.19
N GLY B 81 16.49 7.17 11.82
CA GLY B 81 15.51 6.66 12.78
C GLY B 81 15.07 7.73 13.78
N ALA B 82 15.37 8.99 13.50
CA ALA B 82 14.90 10.10 14.31
C ALA B 82 13.55 10.60 13.75
N VAL B 84 10.73 14.14 13.16
CA VAL B 84 10.54 15.59 13.05
C VAL B 84 9.14 16.00 13.43
N CYS B 85 9.05 16.98 14.34
CA CYS B 85 7.78 17.65 14.61
C CYS B 85 7.67 18.89 13.73
N VAL B 86 6.64 18.96 12.91
CA VAL B 86 6.37 20.15 12.13
C VAL B 86 5.43 20.98 12.99
N GLY B 87 6.03 21.93 13.69
CA GLY B 87 5.30 22.75 14.63
C GLY B 87 4.44 23.76 13.90
N TYR B 88 3.45 24.30 14.60
CA TYR B 88 2.57 25.31 14.06
C TYR B 88 3.31 26.67 14.11
N TRP B 89 3.61 27.23 12.94
CA TRP B 89 4.16 28.57 12.89
C TRP B 89 3.17 29.62 13.37
N ARG B 90 1.89 29.27 13.40
CA ARG B 90 0.86 30.16 13.89
C ARG B 90 0.68 30.10 15.39
N TRP B 91 1.41 29.21 16.07
CA TRP B 91 1.31 29.14 17.51
C TRP B 91 1.66 30.50 18.10
N ALA B 92 0.90 30.92 19.11
CA ALA B 92 1.36 32.04 19.96
C ALA B 92 2.49 31.53 20.90
N PRO B 93 3.29 32.46 21.45
CA PRO B 93 4.40 32.04 22.31
C PRO B 93 4.10 31.01 23.38
N PRO B 94 2.99 31.15 24.15
CA PRO B 94 2.71 30.11 25.15
C PRO B 94 2.50 28.70 24.59
N GLU B 95 1.92 28.62 23.39
CA GLU B 95 1.69 27.33 22.74
C GLU B 95 2.98 26.76 22.20
N GLU B 97 5.99 27.52 23.30
CA GLU B 97 6.75 27.15 24.47
C GLU B 97 6.32 25.80 25.00
N PHE B 98 5.01 25.60 25.17
CA PHE B 98 4.52 24.31 25.65
C PHE B 98 5.00 23.17 24.75
N ALA B 99 4.88 23.35 23.44
CA ALA B 99 5.25 22.27 22.52
C ALA B 99 6.76 21.95 22.61
N LEU B 100 7.59 22.98 22.63
CA LEU B 100 9.03 22.78 22.81
C LEU B 100 9.39 22.06 24.11
N ARG B 101 8.82 22.47 25.24
CA ARG B 101 9.05 21.77 26.52
C ARG B 101 8.55 20.33 26.46
N ASP B 102 7.35 20.13 25.93
CA ASP B 102 6.73 18.79 25.85
C ASP B 102 7.56 17.88 24.93
N PHE B 103 7.87 18.39 23.74
CA PHE B 103 8.56 17.56 22.73
C PHE B 103 10.05 17.36 23.05
N ASP B 104 10.65 18.33 23.73
CA ASP B 104 12.05 18.22 24.19
C ASP B 104 13.02 17.86 23.05
N PRO B 105 13.03 18.67 21.98
CA PRO B 105 13.86 18.36 20.82
C PRO B 105 15.34 18.56 21.08
N HIS B 106 16.17 17.83 20.33
CA HIS B 106 17.60 17.96 20.39
CA HIS B 106 17.62 17.96 20.39
C HIS B 106 18.03 19.16 19.56
N LEU B 107 17.22 19.43 18.54
CA LEU B 107 17.50 20.46 17.56
C LEU B 107 16.21 21.18 17.18
N VAL B 108 16.30 22.50 17.00
CA VAL B 108 15.17 23.31 16.59
C VAL B 108 15.60 24.06 15.34
N VAL B 109 14.82 23.92 14.26
CA VAL B 109 15.07 24.66 13.02
C VAL B 109 13.99 25.71 12.89
N TRP B 110 14.38 26.97 12.77
CA TRP B 110 13.43 28.07 12.91
C TRP B 110 13.51 29.04 11.74
N GLN B 111 12.46 29.83 11.62
CA GLN B 111 12.35 30.82 10.59
C GLN B 111 12.25 32.23 11.18
N HIS B 112 12.99 33.16 10.56
CA HIS B 112 12.95 34.56 10.96
C HIS B 112 11.79 35.29 10.31
N GLN B 113 11.68 35.18 8.99
CA GLN B 113 10.61 35.85 8.23
C GLN B 113 9.21 35.59 8.82
N GLU B 114 8.52 36.69 9.14
CA GLU B 114 7.18 36.73 9.70
C GLU B 114 7.00 36.18 11.11
N ILE B 115 7.88 35.36 11.63
CA ILE B 115 7.62 34.87 12.98
C ILE B 115 8.70 35.12 14.02
N HIS B 116 9.72 35.91 13.67
CA HIS B 116 10.87 36.10 14.58
C HIS B 116 10.44 36.56 15.98
N GLU B 117 9.46 37.44 16.06
CA GLU B 117 9.03 37.95 17.39
C GLU B 117 8.46 36.83 18.26
N THR B 118 7.65 35.96 17.66
CA THR B 118 7.05 34.86 18.43
C THR B 118 8.12 33.90 18.88
N VAL B 119 9.03 33.60 17.98
CA VAL B 119 10.11 32.68 18.27
C VAL B 119 11.02 33.24 19.36
N ALA B 120 11.38 34.51 19.26
CA ALA B 120 12.20 35.16 20.32
C ALA B 120 11.49 35.19 21.70
N ARG B 121 10.21 35.54 21.73
CA ARG B 121 9.48 35.53 23.00
C ARG B 121 9.52 34.13 23.59
N THR B 122 9.32 33.12 22.75
CA THR B 122 9.25 31.74 23.21
C THR B 122 10.58 31.31 23.79
N ARG B 123 11.63 31.59 23.05
CA ARG B 123 12.96 31.23 23.50
C ARG B 123 13.33 31.93 24.83
N GLU B 124 13.00 33.21 24.96
CA GLU B 124 13.19 33.93 26.22
C GLU B 124 12.49 33.22 27.40
N ALA B 125 11.23 32.82 27.20
CA ALA B 125 10.46 32.13 28.25
C ALA B 125 11.12 30.84 28.71
N LEU B 126 11.86 30.18 27.83
CA LEU B 126 12.48 28.90 28.16
C LEU B 126 13.66 29.09 29.14
N GLY B 127 14.35 30.22 29.03
CA GLY B 127 15.59 30.46 29.79
C GLY B 127 16.56 29.29 29.74
N SER B 128 17.07 28.92 30.91
CA SER B 128 18.06 27.87 31.01
C SER B 128 17.51 26.47 30.71
N ASP B 129 16.19 26.33 30.57
CA ASP B 129 15.67 25.03 30.07
C ASP B 129 15.90 24.86 28.56
N ASP B 130 16.35 25.91 27.87
CA ASP B 130 16.61 25.83 26.44
C ASP B 130 17.91 25.10 26.19
N THR B 131 17.84 23.77 26.12
CA THR B 131 19.00 22.94 25.84
C THR B 131 19.25 22.61 24.34
N ALA B 132 18.31 22.92 23.45
CA ALA B 132 18.44 22.50 22.06
C ALA B 132 19.45 23.34 21.28
N ARG B 133 20.01 22.78 20.21
CA ARG B 133 20.66 23.63 19.22
C ARG B 133 19.62 24.20 18.28
N TRP B 134 19.80 25.46 17.86
CA TRP B 134 18.85 26.19 17.03
C TRP B 134 19.49 26.58 15.73
N LEU B 135 18.86 26.26 14.61
CA LEU B 135 19.40 26.62 13.30
C LEU B 135 18.37 27.43 12.57
N ARG B 136 18.77 28.61 12.08
CA ARG B 136 17.88 29.44 11.27
C ARG B 136 17.88 28.92 9.83
N HIS B 137 16.71 28.59 9.31
CA HIS B 137 16.65 27.99 7.97
C HIS B 137 16.73 29.04 6.89
N ASP B 138 16.10 30.19 7.11
CA ASP B 138 16.15 31.28 6.15
C ASP B 138 17.28 32.25 6.50
N SER B 139 18.48 31.71 6.71
CA SER B 139 19.65 32.50 7.11
C SER B 139 20.41 32.99 5.91
N ALA B 140 21.36 33.88 6.11
CA ALA B 140 22.38 34.11 5.08
C ALA B 140 23.13 32.79 4.90
N PRO B 141 23.56 32.51 3.67
CA PRO B 141 24.21 31.22 3.35
C PRO B 141 25.34 30.80 4.29
N GLN B 142 26.11 31.77 4.78
CA GLN B 142 27.34 31.48 5.53
C GLN B 142 27.09 31.49 7.04
N ASP B 143 25.89 31.89 7.45
CA ASP B 143 25.52 31.93 8.87
C ASP B 143 25.86 30.56 9.48
N PRO B 144 26.71 30.55 10.51
CA PRO B 144 27.13 29.28 11.08
C PRO B 144 26.08 28.71 12.01
N ASP B 145 25.07 29.51 12.34
CA ASP B 145 23.91 29.01 13.03
C ASP B 145 22.74 28.80 12.08
N GLY B 146 23.07 28.56 10.82
CA GLY B 146 22.11 28.45 9.73
C GLY B 146 22.05 27.03 9.17
N TYR B 147 20.88 26.66 8.67
CA TYR B 147 20.64 25.34 8.10
C TYR B 147 21.58 25.00 6.95
N GLU B 148 21.79 25.94 6.03
CA GLU B 148 22.57 25.65 4.84
C GLU B 148 24.03 25.36 5.16
N ALA B 149 24.63 26.14 6.06
CA ALA B 149 26.01 25.91 6.44
C ALA B 149 26.11 24.60 7.22
N PHE B 150 25.13 24.33 8.06
CA PHE B 150 25.08 23.07 8.83
C PHE B 150 25.00 21.85 7.90
N LEU B 151 24.19 21.98 6.86
CA LEU B 151 24.01 20.88 5.93
C LEU B 151 25.28 20.69 5.09
N ALA B 152 25.84 21.80 4.62
CA ALA B 152 26.99 21.73 3.72
C ALA B 152 28.22 21.09 4.38
N ALA B 153 28.31 21.13 5.70
CA ALA B 153 29.39 20.44 6.41
C ALA B 153 29.25 18.91 6.43
N GLY B 154 28.06 18.37 6.16
CA GLY B 154 27.87 16.93 6.13
C GLY B 154 28.38 16.28 4.85
N GLY B 155 28.73 15.00 4.94
CA GLY B 155 29.21 14.22 3.79
C GLY B 155 28.09 13.62 2.93
N LEU B 156 28.44 13.29 1.69
CA LEU B 156 27.47 12.78 0.71
C LEU B 156 27.07 11.33 0.93
N ALA B 157 27.78 10.60 1.77
CA ALA B 157 27.46 9.20 1.96
C ALA B 157 26.09 9.00 2.59
N ASP B 158 25.32 8.07 2.03
CA ASP B 158 24.07 7.65 2.64
C ASP B 158 24.38 6.94 3.95
N PRO B 159 23.71 7.30 5.05
CA PRO B 159 24.01 6.62 6.31
C PRO B 159 23.79 5.11 6.27
N ASP B 160 22.95 4.66 5.35
CA ASP B 160 22.71 3.23 5.10
C ASP B 160 22.46 2.45 6.39
N LEU B 161 21.65 3.02 7.26
CA LEU B 161 21.23 2.36 8.47
C LEU B 161 19.94 1.61 8.22
N ASP B 162 19.76 0.56 8.97
CA ASP B 162 18.62 -0.30 8.89
C ASP B 162 17.58 0.29 9.86
N ILE B 163 16.63 1.06 9.34
CA ILE B 163 15.69 1.77 10.18
C ILE B 163 14.38 1.02 10.22
N ASP B 164 13.87 0.80 11.42
CA ASP B 164 12.57 0.17 11.57
C ASP B 164 11.45 1.13 11.10
N PRO B 165 10.71 0.77 10.05
CA PRO B 165 9.62 1.60 9.49
C PRO B 165 8.51 1.93 10.49
N ASP B 166 8.34 1.14 11.55
CA ASP B 166 7.37 1.48 12.62
C ASP B 166 7.85 2.56 13.58
N SER B 167 9.09 3.00 13.42
CA SER B 167 9.61 4.15 14.15
C SER B 167 8.84 5.40 13.76
N PRO B 168 8.48 6.24 14.74
CA PRO B 168 7.97 7.55 14.42
C PRO B 168 8.92 8.34 13.53
N VAL B 169 8.37 9.08 12.57
CA VAL B 169 9.19 9.98 11.78
C VAL B 169 8.61 11.38 11.62
N LEU B 170 7.29 11.49 11.76
CA LEU B 170 6.61 12.76 11.70
C LEU B 170 5.72 12.92 12.91
N VAL B 171 5.82 14.08 13.58
CA VAL B 171 5.03 14.37 14.75
C VAL B 171 4.17 15.60 14.48
N LEU B 172 2.86 15.44 14.67
CA LEU B 172 1.89 16.49 14.42
C LEU B 172 1.04 16.70 15.67
N TYR B 173 1.04 17.94 16.14
CA TYR B 173 0.31 18.30 17.35
C TYR B 173 -1.14 18.50 17.07
N THR B 174 -1.97 17.90 17.91
CA THR B 174 -3.42 17.88 17.72
C THR B 174 -4.09 17.58 19.10
N ALA B 175 -5.37 17.24 19.08
CA ALA B 175 -6.05 16.71 20.26
C ALA B 175 -5.90 17.54 21.54
N ALA B 176 -6.24 18.83 21.48
CA ALA B 176 -6.12 19.72 22.62
C ALA B 176 -7.40 19.79 23.48
N SER B 178 -7.95 18.65 26.40
CA SER B 178 -7.55 19.02 27.76
C SER B 178 -7.25 20.49 27.89
N GLY B 179 -7.04 21.17 26.76
CA GLY B 179 -6.55 22.55 26.73
C GLY B 179 -5.12 22.61 26.22
N ARG B 180 -4.46 21.47 26.09
CA ARG B 180 -3.06 21.44 25.64
C ARG B 180 -2.95 20.36 24.58
N GLN B 181 -2.20 20.66 23.51
CA GLN B 181 -2.09 19.71 22.41
C GLN B 181 -1.23 18.51 22.78
N CYS B 182 -1.36 17.47 21.96
CA CYS B 182 -0.58 16.23 22.09
C CYS B 182 0.05 15.97 20.74
N GLY B 183 1.28 15.45 20.75
CA GLY B 183 2.03 15.18 19.53
C GLY B 183 1.78 13.78 18.99
N SER B 184 1.00 13.65 17.93
CA SER B 184 0.72 12.35 17.35
C SER B 184 1.96 11.82 16.59
N LEU B 185 2.34 10.58 16.88
CA LEU B 185 3.55 9.96 16.37
C LEU B 185 3.22 9.14 15.15
N LEU B 186 3.59 9.64 13.97
CA LEU B 186 3.33 8.95 12.73
C LEU B 186 4.61 8.27 12.21
N SER B 187 4.51 7.00 11.90
CA SER B 187 5.67 6.26 11.44
C SER B 187 5.86 6.31 9.93
N HIS B 188 6.97 5.74 9.47
CA HIS B 188 7.22 5.60 8.07
C HIS B 188 6.10 4.79 7.45
N THR B 189 5.74 3.70 8.13
CA THR B 189 4.69 2.83 7.62
C THR B 189 3.33 3.52 7.57
N ASN B 190 3.00 4.29 8.61
CA ASN B 190 1.80 5.12 8.63
C ASN B 190 1.70 6.00 7.36
N LEU B 191 2.79 6.74 7.10
CA LEU B 191 2.83 7.70 6.01
C LEU B 191 2.79 7.04 4.65
N ILE B 192 3.51 5.93 4.51
CA ILE B 192 3.53 5.19 3.26
C ILE B 192 2.16 4.56 2.96
N ALA B 193 1.51 3.97 3.97
CA ALA B 193 0.16 3.44 3.76
C ALA B 193 -0.84 4.56 3.42
N ALA B 195 -0.11 7.37 2.00
CA ALA B 195 0.21 7.88 0.67
C ALA B 195 -0.20 6.93 -0.45
N THR B 196 -0.04 5.62 -0.23
CA THR B 196 -0.45 4.65 -1.25
CA THR B 196 -0.45 4.65 -1.22
C THR B 196 -1.97 4.70 -1.43
N ALA B 197 -2.70 4.81 -0.34
CA ALA B 197 -4.15 4.92 -0.43
C ALA B 197 -4.55 6.22 -1.12
N ALA B 198 -3.81 7.29 -0.85
CA ALA B 198 -4.18 8.57 -1.43
C ALA B 198 -3.94 8.55 -2.95
N ALA B 199 -2.95 7.80 -3.40
CA ALA B 199 -2.66 7.77 -4.80
C ALA B 199 -3.79 7.10 -5.54
N TRP B 200 -4.44 6.12 -4.91
CA TRP B 200 -5.62 5.48 -5.48
C TRP B 200 -6.81 6.42 -5.44
N LEU B 201 -7.01 7.07 -4.28
CA LEU B 201 -8.12 8.00 -4.11
C LEU B 201 -8.14 9.09 -5.15
N GLY B 202 -6.96 9.69 -5.40
CA GLY B 202 -6.84 10.90 -6.20
C GLY B 202 -6.25 10.72 -7.58
N ASP B 203 -6.02 9.47 -7.97
CA ASP B 203 -5.36 9.16 -9.22
C ASP B 203 -4.00 9.89 -9.34
N ILE B 204 -3.20 9.81 -8.28
CA ILE B 204 -1.92 10.49 -8.25
C ILE B 204 -0.86 9.65 -9.00
N ASP B 205 0.00 10.33 -9.76
CA ASP B 205 1.07 9.66 -10.44
C ASP B 205 2.21 10.60 -10.67
N HIS B 206 3.15 10.20 -11.50
CA HIS B 206 4.34 11.02 -11.73
C HIS B 206 4.00 12.35 -12.43
N THR B 207 2.82 12.50 -13.04
CA THR B 207 2.45 13.76 -13.68
C THR B 207 1.83 14.77 -12.69
N THR B 208 1.61 14.33 -11.46
CA THR B 208 1.02 15.20 -10.45
C THR B 208 1.99 16.33 -10.12
N ALA B 209 1.48 17.56 -10.17
CA ALA B 209 2.25 18.70 -9.71
C ALA B 209 1.46 19.38 -8.60
N PHE B 210 1.91 19.18 -7.37
CA PHE B 210 1.07 19.51 -6.21
C PHE B 210 1.62 20.73 -5.53
N LEU B 211 0.78 21.73 -5.35
CA LEU B 211 1.16 22.94 -4.65
C LEU B 211 0.89 22.75 -3.18
N ASN B 212 1.97 22.76 -2.39
CA ASN B 212 1.95 22.59 -0.95
C ASN B 212 1.52 23.90 -0.24
N SER B 213 0.24 24.23 -0.42
CA SER B 213 -0.35 25.44 0.07
C SER B 213 -1.06 25.21 1.39
N GLY B 214 -1.20 23.96 1.81
CA GLY B 214 -1.70 23.67 3.13
C GLY B 214 -0.57 23.64 4.13
N PRO B 215 -0.84 24.01 5.39
CA PRO B 215 0.24 24.00 6.37
C PRO B 215 0.75 22.57 6.68
N PHE B 217 2.14 21.63 9.14
CA PHE B 217 1.90 21.32 10.53
C PHE B 217 0.62 20.51 10.71
N HIS B 218 -0.13 20.34 9.64
CA HIS B 218 -1.37 19.58 9.71
C HIS B 218 -1.36 18.40 8.72
N ILE B 219 -2.02 17.31 9.08
CA ILE B 219 -2.00 16.10 8.27
C ILE B 219 -2.60 16.32 6.85
N GLY B 220 -3.52 17.27 6.69
CA GLY B 220 -4.22 17.50 5.42
C GLY B 220 -3.32 17.67 4.22
N ASN B 221 -2.34 18.57 4.33
CA ASN B 221 -1.45 18.82 3.23
C ASN B 221 -0.61 17.59 2.84
N HIS B 222 -0.23 16.79 3.84
CA HIS B 222 0.59 15.62 3.59
C HIS B 222 -0.18 14.52 2.90
N GLN B 223 -1.43 14.34 3.29
CA GLN B 223 -2.27 13.30 2.70
C GLN B 223 -2.74 13.74 1.30
N PHE B 224 -3.14 15.01 1.20
CA PHE B 224 -3.75 15.52 -0.02
C PHE B 224 -2.99 16.75 -0.48
N TRP B 225 -1.83 16.60 -1.12
CA TRP B 225 -1.32 15.35 -1.71
C TRP B 225 0.20 15.27 -1.64
N GLY B 226 0.82 15.86 -0.59
CA GLY B 226 2.27 15.97 -0.53
C GLY B 226 2.99 14.62 -0.56
N PRO B 228 1.67 11.45 -1.22
CA PRO B 228 1.49 10.63 -2.42
C PRO B 228 2.23 11.18 -3.63
N THR B 229 2.34 12.50 -3.73
CA THR B 229 3.07 13.08 -4.84
C THR B 229 4.55 12.69 -4.74
N LEU B 230 5.11 12.80 -3.53
CA LEU B 230 6.49 12.35 -3.28
C LEU B 230 6.68 10.87 -3.64
N LEU B 231 5.75 10.07 -3.16
CA LEU B 231 5.85 8.64 -3.35
C LEU B 231 5.81 8.29 -4.84
N ALA B 233 6.64 10.14 -7.38
CA ALA B 233 7.64 10.89 -8.12
C ALA B 233 7.07 12.07 -8.92
N GLY B 234 5.95 12.63 -8.46
CA GLY B 234 5.48 13.88 -8.99
C GLY B 234 6.33 15.01 -8.48
N LYS B 235 5.87 16.22 -8.79
CA LYS B 235 6.56 17.45 -8.37
C LYS B 235 5.80 18.13 -7.26
N ASN B 236 6.51 18.35 -6.15
CA ASN B 236 6.03 19.09 -4.99
C ASN B 236 6.50 20.55 -5.03
N VAL B 237 5.57 21.45 -5.27
CA VAL B 237 5.86 22.87 -5.34
C VAL B 237 5.50 23.48 -3.99
N ILE B 238 6.43 24.23 -3.41
CA ILE B 238 6.26 24.78 -2.09
C ILE B 238 5.84 26.22 -2.16
N VAL B 239 4.92 26.60 -1.26
CA VAL B 239 4.66 28.00 -0.97
C VAL B 239 4.62 28.07 0.55
N ARG B 240 5.16 29.13 1.13
CA ARG B 240 5.32 29.18 2.57
C ARG B 240 3.98 29.19 3.29
N ARG B 241 3.02 29.92 2.72
CA ARG B 241 1.65 29.97 3.21
C ARG B 241 0.83 30.51 2.08
N VAL B 242 -0.49 30.58 2.23
CA VAL B 242 -1.32 31.10 1.12
C VAL B 242 -1.21 32.63 1.03
N VAL B 243 -0.52 33.10 0.02
CA VAL B 243 -0.57 34.48 -0.41
C VAL B 243 -1.23 34.41 -1.77
N ALA B 244 -2.45 34.94 -1.89
CA ALA B 244 -3.28 34.70 -3.08
C ALA B 244 -2.59 34.94 -4.40
N GLU B 245 -1.93 36.09 -4.54
CA GLU B 245 -1.28 36.42 -5.82
C GLU B 245 -0.18 35.45 -6.16
N GLU B 246 0.61 35.06 -5.17
CA GLU B 246 1.68 34.10 -5.39
C GLU B 246 1.15 32.70 -5.74
N VAL B 247 0.12 32.27 -5.00
CA VAL B 247 -0.51 30.97 -5.31
C VAL B 247 -0.95 31.01 -6.77
N ARG B 248 -1.60 32.10 -7.17
CA ARG B 248 -2.08 32.21 -8.54
C ARG B 248 -0.94 32.04 -9.53
N ASP B 249 0.13 32.78 -9.29
CA ASP B 249 1.31 32.75 -10.14
C ASP B 249 1.96 31.37 -10.18
N LEU B 250 2.06 30.70 -9.03
CA LEU B 250 2.68 29.36 -9.01
C LEU B 250 1.79 28.35 -9.70
N LEU B 251 0.48 28.46 -9.52
CA LEU B 251 -0.40 27.50 -10.19
C LEU B 251 -0.14 27.50 -11.67
N VAL B 252 0.09 28.70 -12.20
CA VAL B 252 0.32 28.89 -13.63
C VAL B 252 1.72 28.49 -14.03
N ALA B 253 2.71 29.09 -13.38
CA ALA B 253 4.10 28.90 -13.80
C ALA B 253 4.55 27.46 -13.64
N GLU B 254 4.07 26.78 -12.60
CA GLU B 254 4.53 25.41 -12.36
C GLU B 254 3.57 24.37 -12.91
N GLU B 255 2.51 24.84 -13.56
CA GLU B 255 1.55 23.96 -14.20
C GLU B 255 1.00 22.94 -13.20
N CYS B 256 0.50 23.45 -12.07
CA CYS B 256 0.05 22.59 -11.00
C CYS B 256 -1.24 21.90 -11.38
N THR B 257 -1.36 20.65 -10.97
CA THR B 257 -2.56 19.88 -11.20
C THR B 257 -3.42 19.84 -9.93
N HIS B 258 -2.80 20.02 -8.75
CA HIS B 258 -3.52 19.98 -7.49
C HIS B 258 -2.99 21.04 -6.51
N ALA B 259 -3.82 21.41 -5.54
CA ALA B 259 -3.40 22.29 -4.44
C ALA B 259 -4.33 22.13 -3.28
N PHE B 260 -3.77 22.36 -2.08
CA PHE B 260 -4.54 22.28 -0.83
C PHE B 260 -5.02 23.69 -0.51
N LEU B 261 -6.26 23.95 -0.88
CA LEU B 261 -6.90 25.27 -0.78
C LEU B 261 -8.32 25.17 -0.22
N PRO B 263 -11.90 26.42 1.59
CA PRO B 263 -12.81 27.31 0.93
C PRO B 263 -12.54 28.79 1.13
N PRO B 264 -12.13 29.23 2.34
CA PRO B 264 -11.91 30.67 2.46
C PRO B 264 -10.79 31.23 1.60
N THR B 265 -9.90 30.38 1.05
CA THR B 265 -8.75 30.89 0.32
C THR B 265 -9.03 31.11 -1.17
N VAL B 266 -10.10 30.50 -1.66
CA VAL B 266 -10.26 30.33 -3.10
C VAL B 266 -10.71 31.63 -3.75
N ALA B 267 -11.68 32.34 -3.16
CA ALA B 267 -12.34 33.45 -3.90
C ALA B 267 -11.32 34.55 -4.29
N GLU B 268 -10.35 34.79 -3.44
CA GLU B 268 -9.36 35.85 -3.73
C GLU B 268 -8.38 35.46 -4.85
N ILE B 269 -8.08 34.17 -4.94
CA ILE B 269 -7.22 33.68 -6.01
C ILE B 269 -7.95 33.84 -7.33
N VAL B 270 -9.22 33.46 -7.33
CA VAL B 270 -10.08 33.57 -8.49
C VAL B 270 -10.17 35.03 -8.94
N ARG B 271 -10.42 35.93 -7.98
CA ARG B 271 -10.56 37.32 -8.28
C ARG B 271 -9.30 37.87 -8.96
N LEU B 272 -8.14 37.56 -8.42
CA LEU B 272 -6.90 38.05 -8.98
C LEU B 272 -6.61 37.42 -10.31
N ASN B 273 -7.14 36.23 -10.60
CA ASN B 273 -6.94 35.69 -11.93
C ASN B 273 -7.86 36.27 -13.02
N ARG B 274 -8.96 36.88 -12.62
CA ARG B 274 -9.81 37.58 -13.60
C ARG B 274 -9.06 38.74 -14.28
N ASP B 275 -8.14 39.35 -13.53
CA ASP B 275 -7.23 40.41 -14.06
C ASP B 275 -6.30 39.91 -15.16
N THR B 276 -5.75 38.72 -14.96
CA THR B 276 -4.75 38.16 -15.86
C THR B 276 -5.31 37.29 -16.99
N GLY B 277 -6.46 36.66 -16.77
CA GLY B 277 -6.99 35.67 -17.72
C GLY B 277 -6.08 34.46 -18.03
N HIS B 278 -5.37 33.93 -17.03
CA HIS B 278 -4.64 32.65 -17.22
C HIS B 278 -5.59 31.48 -17.15
N ASP B 279 -5.35 30.46 -17.97
CA ASP B 279 -6.18 29.26 -17.98
C ASP B 279 -5.76 28.37 -16.80
N LEU B 280 -6.69 28.09 -15.89
CA LEU B 280 -6.37 27.24 -14.73
C LEU B 280 -7.01 25.88 -14.88
N SER B 281 -7.33 25.49 -16.12
CA SER B 281 -7.99 24.22 -16.39
C SER B 281 -7.18 23.04 -15.92
N ARG B 282 -5.86 23.16 -15.91
CA ARG B 282 -5.02 22.05 -15.44
C ARG B 282 -5.24 21.75 -13.94
N LEU B 283 -5.58 22.77 -13.15
CA LEU B 283 -5.85 22.59 -11.73
C LEU B 283 -7.13 21.80 -11.52
N ARG B 284 -6.98 20.67 -10.84
CA ARG B 284 -8.10 19.83 -10.51
C ARG B 284 -8.60 20.19 -9.13
N ALA B 285 -9.64 21.01 -9.08
CA ALA B 285 -10.20 21.47 -7.83
C ALA B 285 -10.99 20.36 -7.18
N THR B 286 -10.67 20.05 -5.94
CA THR B 286 -11.35 18.97 -5.21
C THR B 286 -12.32 19.57 -4.18
N VAL B 287 -11.84 20.53 -3.40
CA VAL B 287 -12.65 21.21 -2.38
C VAL B 287 -13.45 22.42 -2.91
N ALA B 288 -14.75 22.42 -2.64
CA ALA B 288 -15.65 23.53 -2.99
C ALA B 288 -15.37 24.06 -4.44
N PRO B 289 -15.48 23.17 -5.43
CA PRO B 289 -15.14 23.57 -6.80
C PRO B 289 -15.97 24.74 -7.36
N HIS B 290 -17.21 24.89 -6.88
CA HIS B 290 -18.04 26.06 -7.21
C HIS B 290 -17.36 27.39 -6.94
N LEU B 291 -16.51 27.44 -5.92
CA LEU B 291 -15.81 28.68 -5.61
C LEU B 291 -14.78 29.07 -6.67
N TRP B 292 -14.37 28.12 -7.51
CA TRP B 292 -13.47 28.41 -8.62
C TRP B 292 -14.15 29.07 -9.85
N GLU B 293 -15.45 29.25 -9.80
CA GLU B 293 -16.18 29.98 -10.81
C GLU B 293 -15.96 29.49 -12.24
N GLY B 294 -15.71 28.19 -12.40
CA GLY B 294 -15.43 27.63 -13.72
C GLY B 294 -14.02 27.77 -14.27
N ALA B 296 -11.03 26.50 -12.70
CA ALA B 296 -10.38 25.21 -12.53
C ALA B 296 -11.24 24.11 -13.11
N THR B 297 -10.66 22.97 -13.39
CA THR B 297 -11.45 21.78 -13.67
C THR B 297 -11.89 21.12 -12.36
N THR B 298 -13.14 20.70 -12.31
CA THR B 298 -13.59 19.86 -11.20
C THR B 298 -12.95 18.49 -11.31
N ASP B 299 -12.18 18.15 -10.30
CA ASP B 299 -11.50 16.88 -10.25
C ASP B 299 -12.51 15.76 -10.44
N THR B 300 -12.16 14.74 -11.22
CA THR B 300 -13.03 13.58 -11.40
C THR B 300 -12.41 12.27 -10.90
N SER B 301 -11.40 12.34 -10.03
CA SER B 301 -10.90 11.18 -9.29
C SER B 301 -11.98 10.64 -8.34
N ARG B 302 -11.76 9.43 -7.85
CA ARG B 302 -12.66 8.82 -6.88
C ARG B 302 -12.93 9.73 -5.67
N PHE B 303 -11.91 10.46 -5.26
CA PHE B 303 -11.96 11.30 -4.05
C PHE B 303 -13.07 12.32 -4.23
N THR B 304 -13.14 12.93 -5.40
CA THR B 304 -14.13 13.98 -5.64
C THR B 304 -15.47 13.43 -6.12
N ARG B 305 -15.47 12.44 -7.02
CA ARG B 305 -16.73 11.90 -7.54
C ARG B 305 -17.56 11.32 -6.43
N SER B 306 -16.92 10.67 -5.48
CA SER B 306 -17.63 9.99 -4.40
C SER B 306 -18.30 10.90 -3.38
N GLY B 307 -17.92 12.17 -3.31
CA GLY B 307 -18.34 13.05 -2.24
C GLY B 307 -17.31 13.17 -1.12
N ALA B 308 -16.23 12.39 -1.18
CA ALA B 308 -15.23 12.46 -0.11
C ALA B 308 -14.64 13.88 -0.02
N ALA B 309 -14.43 14.51 -1.18
CA ALA B 309 -13.86 15.85 -1.22
C ALA B 309 -14.80 16.93 -0.67
N ALA B 310 -16.05 16.58 -0.47
CA ALA B 310 -17.01 17.48 0.19
C ALA B 310 -17.12 17.16 1.68
N GLY B 311 -16.31 16.24 2.18
CA GLY B 311 -16.35 15.86 3.58
C GLY B 311 -16.98 14.53 3.92
N ARG B 312 -17.38 13.75 2.91
CA ARG B 312 -17.98 12.43 3.16
C ARG B 312 -16.89 11.43 3.45
N GLY B 313 -16.49 11.43 4.71
CA GLY B 313 -15.49 10.52 5.22
C GLY B 313 -15.30 10.76 6.69
N TYR B 314 -14.39 10.00 7.27
CA TYR B 314 -14.10 10.10 8.68
C TYR B 314 -12.63 9.79 8.86
N GLY B 315 -12.00 10.54 9.74
CA GLY B 315 -10.66 10.21 10.17
C GLY B 315 -10.10 11.18 11.18
N GLN B 316 -8.80 11.09 11.37
CA GLN B 316 -8.07 11.99 12.26
C GLN B 316 -6.60 11.74 12.05
N THR B 317 -5.79 12.71 12.46
CA THR B 317 -4.34 12.62 12.42
C THR B 317 -3.85 11.28 12.94
N GLU B 318 -4.47 10.81 14.02
CA GLU B 318 -4.10 9.56 14.72
C GLU B 318 -4.41 8.31 13.90
N LEU B 319 -5.19 8.48 12.83
CA LEU B 319 -5.39 7.42 11.84
C LEU B 319 -4.70 7.75 10.51
N SER B 320 -3.66 8.58 10.55
CA SER B 320 -2.95 9.04 9.36
C SER B 320 -3.89 9.78 8.38
N GLY B 321 -4.86 10.52 8.93
CA GLY B 321 -5.80 11.30 8.15
C GLY B 321 -7.13 10.64 7.83
N PHE B 322 -7.60 10.87 6.61
CA PHE B 322 -8.97 10.52 6.19
C PHE B 322 -8.98 9.03 5.80
N ALA B 323 -9.11 8.15 6.80
CA ALA B 323 -8.98 6.71 6.59
C ALA B 323 -10.26 6.01 6.16
N VAL B 324 -11.40 6.63 6.43
CA VAL B 324 -12.70 6.14 6.00
C VAL B 324 -13.29 7.16 5.04
N THR B 325 -13.75 6.73 3.87
CA THR B 325 -14.31 7.69 2.91
C THR B 325 -15.37 7.07 2.06
N ALA B 326 -16.22 7.93 1.51
CA ALA B 326 -17.23 7.49 0.55
C ALA B 326 -16.65 6.90 -0.75
N ALA B 327 -15.35 7.11 -1.01
CA ALA B 327 -14.71 6.51 -2.19
C ALA B 327 -14.36 5.05 -2.01
N TYR B 328 -14.41 4.56 -0.78
CA TYR B 328 -14.13 3.17 -0.50
C TYR B 328 -15.45 2.45 -0.43
N GLY B 329 -15.71 1.60 -1.43
CA GLY B 329 -16.80 0.66 -1.38
C GLY B 329 -18.15 1.06 -1.91
N GLY B 330 -18.22 2.18 -2.63
CA GLY B 330 -19.42 2.50 -3.37
C GLY B 330 -20.44 3.30 -2.57
N PRO B 331 -21.67 3.38 -3.09
CA PRO B 331 -22.74 4.17 -2.47
C PRO B 331 -22.91 3.81 -1.00
N ALA B 332 -23.12 4.80 -0.14
CA ALA B 332 -23.21 4.55 1.29
C ALA B 332 -24.35 5.35 1.91
N ALA B 333 -25.20 4.71 2.69
CA ALA B 333 -26.22 5.42 3.45
C ALA B 333 -25.54 6.25 4.52
N GLY B 334 -24.41 5.80 5.05
CA GLY B 334 -23.72 6.52 6.08
C GLY B 334 -22.96 7.69 5.50
N ASN B 335 -22.80 8.76 6.27
CA ASN B 335 -22.18 9.95 5.71
C ASN B 335 -20.67 9.81 5.44
N ALA B 336 -19.99 8.87 6.09
CA ALA B 336 -18.53 8.70 5.97
C ALA B 336 -18.02 7.58 5.01
N GLY B 337 -18.92 6.76 4.48
CA GLY B 337 -18.52 5.64 3.63
C GLY B 337 -17.94 4.49 4.42
N ARG B 338 -16.81 3.95 3.96
CA ARG B 338 -16.24 2.76 4.53
C ARG B 338 -14.71 2.86 4.65
N PRO B 339 -14.10 1.99 5.47
CA PRO B 339 -12.67 2.07 5.71
C PRO B 339 -11.86 1.69 4.47
N GLY B 340 -10.77 2.41 4.23
CA GLY B 340 -9.80 2.02 3.25
C GLY B 340 -9.07 0.78 3.70
N PRO B 341 -8.39 0.11 2.77
CA PRO B 341 -7.61 -1.06 3.15
C PRO B 341 -6.50 -0.65 4.12
N GLY B 342 -6.11 -1.54 5.01
CA GLY B 342 -5.16 -1.17 6.07
C GLY B 342 -5.81 -0.53 7.31
N LEU B 343 -7.13 -0.58 7.39
CA LEU B 343 -7.83 -0.09 8.58
C LEU B 343 -9.02 -0.98 8.84
N THR B 344 -9.18 -1.43 10.06
CA THR B 344 -10.44 -2.02 10.44
C THR B 344 -11.10 -1.14 11.54
N VAL B 345 -12.41 -0.99 11.47
CA VAL B 345 -13.10 -0.05 12.34
C VAL B 345 -14.22 -0.78 13.07
N ARG B 346 -14.32 -0.55 14.38
CA ARG B 346 -15.48 -1.00 15.14
C ARG B 346 -16.01 0.15 15.98
N VAL B 347 -17.34 0.23 16.05
CA VAL B 347 -18.02 1.16 16.94
C VAL B 347 -18.27 0.40 18.24
N LEU B 348 -17.73 0.92 19.34
CA LEU B 348 -17.77 0.20 20.62
C LEU B 348 -18.63 0.94 21.64
N ASP B 349 -19.37 0.21 22.47
CA ASP B 349 -20.11 0.85 23.58
C ASP B 349 -19.17 1.10 24.75
N THR B 350 -19.68 1.68 25.84
CA THR B 350 -18.80 2.09 26.92
C THR B 350 -18.15 0.90 27.64
N ALA B 351 -18.77 -0.27 27.54
CA ALA B 351 -18.19 -1.46 28.14
C ALA B 351 -17.15 -2.12 27.19
N GLY B 352 -17.02 -1.62 25.97
CA GLY B 352 -16.04 -2.17 25.04
C GLY B 352 -16.60 -3.24 24.12
N ARG B 353 -17.92 -3.44 24.09
CA ARG B 353 -18.55 -4.38 23.16
C ARG B 353 -18.98 -3.67 21.91
N GLU B 354 -18.87 -4.36 20.79
CA GLU B 354 -19.22 -3.80 19.51
C GLU B 354 -20.68 -3.45 19.52
N CYS B 355 -21.02 -2.29 18.97
CA CYS B 355 -22.41 -1.86 18.93
C CYS B 355 -23.18 -2.55 17.84
N ALA B 356 -24.50 -2.72 18.06
CA ALA B 356 -25.37 -3.24 17.02
C ALA B 356 -25.48 -2.22 15.90
N VAL B 357 -25.95 -2.67 14.76
CA VAL B 357 -26.28 -1.80 13.63
C VAL B 357 -27.22 -0.70 14.13
N GLY B 358 -26.95 0.54 13.75
CA GLY B 358 -27.76 1.66 14.18
C GLY B 358 -27.45 2.24 15.55
N GLU B 359 -26.67 1.56 16.35
CA GLU B 359 -26.41 2.03 17.71
C GLU B 359 -25.14 2.89 17.74
N ALA B 360 -25.28 4.11 18.27
CA ALA B 360 -24.15 5.03 18.42
C ALA B 360 -23.16 4.52 19.45
N GLY B 361 -21.89 4.77 19.20
CA GLY B 361 -20.84 4.36 20.12
C GLY B 361 -19.57 5.06 19.68
N GLU B 362 -18.45 4.70 20.28
CA GLU B 362 -17.20 5.35 19.94
C GLU B 362 -16.55 4.64 18.75
N ILE B 363 -16.12 5.42 17.78
CA ILE B 363 -15.35 4.88 16.65
C ILE B 363 -13.96 4.45 17.11
N CYS B 364 -13.65 3.18 16.93
CA CYS B 364 -12.35 2.63 17.31
C CYS B 364 -11.73 1.91 16.10
N ALA B 365 -10.40 1.79 16.09
CA ALA B 365 -9.68 1.37 14.91
C ALA B 365 -8.45 0.54 15.22
N ARG B 366 -8.14 -0.36 14.28
CA ARG B 366 -6.89 -1.11 14.29
CA ARG B 366 -6.93 -1.19 14.29
C ARG B 366 -6.37 -1.16 12.87
N GLY B 367 -5.06 -1.20 12.73
CA GLY B 367 -4.44 -1.43 11.45
C GLY B 367 -3.25 -0.56 11.18
N THR B 368 -2.77 -0.68 9.95
CA THR B 368 -1.52 -0.07 9.46
C THR B 368 -1.48 1.44 9.56
N VAL B 369 -2.62 2.12 9.41
CA VAL B 369 -2.64 3.58 9.51
C VAL B 369 -2.83 4.16 10.93
N VAL B 370 -3.03 3.31 11.94
CA VAL B 370 -3.12 3.81 13.31
C VAL B 370 -1.76 4.28 13.78
N HIS B 371 -1.71 5.48 14.36
CA HIS B 371 -0.45 6.06 14.80
C HIS B 371 0.21 5.22 15.92
N ARG B 372 1.41 5.63 16.32
CA ARG B 372 2.14 4.96 17.38
C ARG B 372 1.77 5.48 18.76
N GLY B 373 0.85 6.42 18.84
CA GLY B 373 0.43 7.02 20.11
C GLY B 373 0.93 8.44 20.19
N TYR B 374 0.60 9.16 21.24
CA TYR B 374 1.17 10.50 21.42
C TYR B 374 2.51 10.49 22.13
N TRP B 375 3.29 11.52 21.85
CA TRP B 375 4.53 11.72 22.55
C TRP B 375 4.28 12.04 24.02
N ASN B 376 4.97 11.32 24.90
CA ASN B 376 4.98 11.69 26.32
C ASN B 376 3.58 11.76 26.92
N ARG B 377 2.75 10.74 26.70
CA ARG B 377 1.38 10.72 27.25
C ARG B 377 1.05 9.29 27.66
N ASP B 378 1.84 8.75 28.58
CA ASP B 378 1.70 7.35 28.99
C ASP B 378 0.28 7.02 29.42
N GLU B 379 -0.29 7.82 30.29
CA GLU B 379 -1.63 7.53 30.79
C GLU B 379 -2.67 7.65 29.69
N VAL B 380 -2.61 8.72 28.92
CA VAL B 380 -3.59 8.89 27.83
C VAL B 380 -3.45 7.74 26.83
N ASN B 381 -2.24 7.39 26.45
CA ASN B 381 -2.02 6.31 25.49
C ASN B 381 -2.55 4.97 26.00
N ALA B 382 -2.31 4.66 27.28
CA ALA B 382 -2.75 3.38 27.81
C ALA B 382 -4.28 3.35 27.80
N HIS B 383 -4.91 4.45 28.16
CA HIS B 383 -6.35 4.52 28.09
C HIS B 383 -6.92 4.48 26.66
N ARG B 384 -6.31 5.22 25.72
CA ARG B 384 -6.89 5.36 24.37
C ARG B 384 -6.60 4.14 23.49
N PHE B 385 -5.61 3.35 23.88
CA PHE B 385 -5.28 2.09 23.21
C PHE B 385 -5.83 0.84 23.94
N ARG B 386 -6.68 1.05 24.93
CA ARG B 386 -7.15 -0.04 25.76
C ARG B 386 -7.88 -1.13 24.97
N SER B 387 -7.60 -2.38 25.35
CA SER B 387 -8.17 -3.60 24.75
C SER B 387 -7.69 -3.83 23.34
N GLY B 388 -6.57 -3.22 22.97
CA GLY B 388 -6.00 -3.40 21.64
C GLY B 388 -6.64 -2.62 20.48
N TRP B 389 -7.47 -1.62 20.79
CA TRP B 389 -8.05 -0.71 19.76
C TRP B 389 -7.71 0.75 20.06
N TRP B 390 -7.43 1.54 19.02
CA TRP B 390 -7.29 2.97 19.19
C TRP B 390 -8.66 3.59 19.29
N HIS B 391 -8.87 4.38 20.35
CA HIS B 391 -10.17 5.02 20.62
C HIS B 391 -10.13 6.46 20.14
N THR B 392 -11.04 6.85 19.24
CA THR B 392 -10.91 8.13 18.57
C THR B 392 -11.50 9.30 19.35
N THR B 393 -12.34 8.97 20.33
CA THR B 393 -13.27 9.89 21.01
C THR B 393 -14.43 10.37 20.15
N ASP B 394 -14.53 9.95 18.88
CA ASP B 394 -15.63 10.41 18.05
C ASP B 394 -16.76 9.41 18.11
N LEU B 395 -17.98 9.92 17.96
CA LEU B 395 -19.17 9.09 17.97
C LEU B 395 -19.57 8.76 16.56
N GLY B 396 -20.03 7.54 16.37
CA GLY B 396 -20.52 7.10 15.10
C GLY B 396 -21.39 5.88 15.22
N ARG B 397 -21.83 5.38 14.07
CA ARG B 397 -22.61 4.15 14.03
C ARG B 397 -22.47 3.50 12.69
N ARG B 398 -22.75 2.22 12.66
CA ARG B 398 -22.79 1.46 11.41
C ARG B 398 -24.22 1.43 10.90
N GLU B 399 -24.40 1.69 9.61
CA GLU B 399 -25.69 1.61 8.98
C GLU B 399 -26.01 0.18 8.53
N PRO B 400 -27.28 -0.10 8.22
CA PRO B 400 -27.62 -1.46 7.78
C PRO B 400 -26.84 -1.91 6.55
N ASP B 401 -26.51 -0.98 5.64
CA ASP B 401 -25.75 -1.33 4.42
C ASP B 401 -24.25 -1.57 4.69
N GLY B 402 -23.82 -1.48 5.94
CA GLY B 402 -22.43 -1.72 6.31
C GLY B 402 -21.58 -0.45 6.42
N SER B 403 -22.05 0.65 5.87
CA SER B 403 -21.28 1.87 5.90
C SER B 403 -21.33 2.55 7.28
N LEU B 404 -20.45 3.52 7.44
CA LEU B 404 -20.28 4.22 8.72
C LEU B 404 -20.79 5.65 8.66
N THR B 405 -21.34 6.08 9.79
CA THR B 405 -21.79 7.46 9.99
C THR B 405 -20.99 8.07 11.11
N PHE B 406 -20.40 9.23 10.85
CA PHE B 406 -19.70 10.02 11.88
C PHE B 406 -20.77 10.96 12.45
N LEU B 407 -21.09 10.79 13.71
CA LEU B 407 -22.20 11.53 14.30
C LEU B 407 -21.74 12.85 14.87
N GLY B 408 -20.59 12.88 15.52
CA GLY B 408 -20.10 14.13 16.15
C GLY B 408 -19.03 13.79 17.18
N THR B 409 -18.50 14.83 17.85
CA THR B 409 -17.42 14.66 18.81
C THR B 409 -17.97 14.45 20.19
N THR B 410 -17.12 14.03 21.12
CA THR B 410 -17.51 13.96 22.53
C THR B 410 -16.83 15.08 23.32
N THR B 411 -16.29 16.07 22.62
CA THR B 411 -15.44 17.05 23.28
C THR B 411 -15.89 18.48 23.04
N ARG B 412 -17.06 18.67 22.41
CA ARG B 412 -17.53 20.03 22.10
C ARG B 412 -16.56 20.80 21.17
N LEU B 414 -14.79 22.55 18.10
CA LEU B 414 -15.14 23.31 16.90
C LEU B 414 -14.16 22.94 15.76
N LYS B 415 -14.62 23.17 14.54
CA LYS B 415 -13.79 22.94 13.34
C LYS B 415 -14.09 23.99 12.26
N SER B 416 -13.08 24.82 12.04
CA SER B 416 -13.15 26.00 11.22
C SER B 416 -12.14 25.90 10.08
N ALA B 417 -12.67 25.86 8.86
CA ALA B 417 -11.83 25.61 7.64
C ALA B 417 -10.85 24.46 7.90
N ALA B 418 -11.38 23.37 8.46
CA ALA B 418 -10.63 22.15 8.73
C ALA B 418 -9.68 22.21 9.90
N GLU B 419 -9.57 23.35 10.58
CA GLU B 419 -8.73 23.42 11.80
C GLU B 419 -9.55 23.18 13.05
N ASN B 420 -9.11 22.23 13.85
CA ASN B 420 -9.72 22.00 15.17
C ASN B 420 -9.47 23.15 16.12
N ILE B 421 -10.50 23.51 16.87
CA ILE B 421 -10.39 24.48 17.94
C ILE B 421 -11.19 23.93 19.13
N PHE B 422 -10.48 23.61 20.20
CA PHE B 422 -11.10 23.04 21.40
C PHE B 422 -11.52 24.15 22.35
N PRO B 423 -12.72 24.06 22.90
CA PRO B 423 -13.22 25.13 23.78
C PRO B 423 -12.29 25.41 24.95
N ALA B 424 -11.71 24.37 25.56
CA ALA B 424 -10.82 24.61 26.68
C ALA B 424 -9.66 25.51 26.31
N GLU B 425 -9.08 25.33 25.12
CA GLU B 425 -7.96 26.21 24.70
C GLU B 425 -8.36 27.69 24.78
N VAL B 426 -9.54 27.99 24.25
CA VAL B 426 -9.94 29.37 24.09
C VAL B 426 -10.50 29.89 25.42
N GLU B 427 -11.30 29.07 26.08
CA GLU B 427 -11.87 29.43 27.39
C GLU B 427 -10.77 29.72 28.38
N ASN B 428 -9.73 28.88 28.41
CA ASN B 428 -8.65 29.06 29.36
C ASN B 428 -7.88 30.35 29.12
N CYS B 429 -7.65 30.67 27.85
CA CYS B 429 -6.96 31.90 27.49
C CYS B 429 -7.77 33.13 27.91
N ILE B 430 -9.06 33.11 27.60
CA ILE B 430 -9.92 34.25 27.90
C ILE B 430 -10.04 34.47 29.44
N GLU B 431 -10.16 33.38 30.17
CA GLU B 431 -10.25 33.46 31.63
C GLU B 431 -9.01 34.01 32.31
N GLN B 432 -7.88 34.02 31.64
CA GLN B 432 -6.71 34.68 32.20
C GLN B 432 -6.86 36.19 32.24
N HIS B 433 -7.79 36.76 31.51
CA HIS B 433 -7.96 38.17 31.53
C HIS B 433 -8.48 38.57 32.93
N PRO B 434 -7.86 39.59 33.56
CA PRO B 434 -8.21 39.92 34.95
C PRO B 434 -9.68 40.27 35.17
N ALA B 435 -10.27 40.96 34.20
CA ALA B 435 -11.71 41.27 34.18
C ALA B 435 -12.67 40.12 33.87
N VAL B 436 -12.18 38.97 33.47
CA VAL B 436 -13.09 37.84 33.14
C VAL B 436 -13.16 36.84 34.25
N ARG B 437 -14.39 36.57 34.71
CA ARG B 437 -14.56 35.58 35.76
C ARG B 437 -14.73 34.23 35.11
N GLU B 438 -15.59 34.13 34.11
CA GLU B 438 -15.71 32.84 33.43
C GLU B 438 -16.06 33.00 31.95
N ALA B 439 -15.70 31.96 31.18
CA ALA B 439 -15.93 31.98 29.74
C ALA B 439 -16.28 30.60 29.24
N ALA B 440 -17.21 30.56 28.29
CA ALA B 440 -17.57 29.34 27.59
C ALA B 440 -17.45 29.63 26.07
N VAL B 441 -17.02 28.63 25.31
CA VAL B 441 -16.76 28.82 23.89
C VAL B 441 -17.63 27.85 23.13
N ILE B 442 -18.38 28.39 22.18
CA ILE B 442 -19.19 27.61 21.25
C ILE B 442 -18.83 28.00 19.81
N GLY B 443 -19.39 27.25 18.89
CA GLY B 443 -19.27 27.59 17.50
C GLY B 443 -20.60 28.01 16.92
N VAL B 444 -20.56 28.90 15.96
CA VAL B 444 -21.77 29.34 15.25
C VAL B 444 -21.53 29.09 13.76
N PRO B 445 -22.60 28.76 13.02
CA PRO B 445 -22.42 28.49 11.58
C PRO B 445 -21.80 29.64 10.81
N ASN B 446 -20.94 29.26 9.87
CA ASN B 446 -20.36 30.15 8.90
C ASN B 446 -20.19 29.35 7.62
N THR B 447 -20.84 29.78 6.56
CA THR B 447 -20.90 28.95 5.35
C THR B 447 -19.49 28.62 4.84
N ARG B 448 -18.68 29.63 4.69
CA ARG B 448 -17.34 29.49 4.08
C ARG B 448 -16.28 28.82 5.00
N TRP B 449 -16.44 28.98 6.32
CA TRP B 449 -15.51 28.42 7.32
C TRP B 449 -16.05 27.19 8.06
N ALA B 450 -17.29 26.81 7.74
CA ALA B 450 -18.08 25.83 8.47
C ALA B 450 -18.60 26.41 9.79
N GLN B 451 -17.70 26.92 10.61
CA GLN B 451 -18.15 27.58 11.84
C GLN B 451 -17.12 28.59 12.34
N ASP B 452 -17.60 29.56 13.09
CA ASP B 452 -16.78 30.55 13.76
C ASP B 452 -16.79 30.32 15.27
N VAL B 453 -15.66 30.69 15.87
CA VAL B 453 -15.51 30.70 17.33
C VAL B 453 -16.32 31.84 17.93
N LYS B 454 -17.12 31.51 18.93
CA LYS B 454 -17.78 32.55 19.72
C LYS B 454 -17.58 32.32 21.23
N ALA B 455 -17.31 33.39 21.97
CA ALA B 455 -17.16 33.26 23.42
C ALA B 455 -18.36 33.91 24.11
N VAL B 456 -18.80 33.26 25.18
CA VAL B 456 -19.80 33.79 26.09
C VAL B 456 -19.06 34.02 27.41
N VAL B 457 -19.00 35.27 27.83
CA VAL B 457 -18.13 35.72 28.89
C VAL B 457 -18.93 36.32 30.09
N VAL B 458 -18.51 35.96 31.31
CA VAL B 458 -19.06 36.57 32.53
C VAL B 458 -17.97 37.41 33.14
N LEU B 459 -18.22 38.73 33.20
CA LEU B 459 -17.23 39.66 33.70
C LEU B 459 -17.14 39.61 35.23
N GLU B 460 -15.96 39.90 35.74
CA GLU B 460 -15.81 40.16 37.17
C GLU B 460 -16.68 41.37 37.56
N PRO B 461 -17.28 41.31 38.74
CA PRO B 461 -18.10 42.42 39.24
C PRO B 461 -17.29 43.68 39.27
N ASP B 462 -17.84 44.77 38.73
CA ASP B 462 -17.28 46.12 38.78
C ASP B 462 -15.97 46.21 38.01
N ALA B 463 -15.71 45.22 37.17
CA ALA B 463 -14.63 45.32 36.16
C ALA B 463 -15.30 45.43 34.82
N GLY B 464 -14.54 45.91 33.83
CA GLY B 464 -15.07 46.23 32.53
C GLY B 464 -14.07 45.79 31.46
N VAL B 465 -14.57 45.25 30.36
CA VAL B 465 -13.74 44.92 29.20
C VAL B 465 -14.68 44.68 28.01
N SER B 466 -14.33 45.25 26.85
CA SER B 466 -15.17 45.15 25.65
C SER B 466 -14.95 43.84 24.86
N GLU B 467 -15.84 43.57 23.91
CA GLU B 467 -15.69 42.44 22.99
C GLU B 467 -14.34 42.51 22.27
N GLN B 468 -14.01 43.68 21.70
CA GLN B 468 -12.77 43.83 20.95
C GLN B 468 -11.60 43.55 21.81
N GLU B 469 -11.68 44.00 23.05
CA GLU B 469 -10.58 43.84 23.96
C GLU B 469 -10.33 42.38 24.31
N ILE B 470 -11.38 41.60 24.45
CA ILE B 470 -11.26 40.17 24.73
C ILE B 470 -10.57 39.51 23.53
N ILE B 471 -10.99 39.91 22.33
CA ILE B 471 -10.45 39.34 21.11
C ILE B 471 -8.99 39.64 21.06
N ASP B 472 -8.62 40.89 21.29
CA ASP B 472 -7.22 41.28 21.18
C ASP B 472 -6.39 40.70 22.31
N HIS B 473 -7.00 40.45 23.47
CA HIS B 473 -6.35 39.72 24.57
C HIS B 473 -5.81 38.35 24.11
N CYS B 474 -6.51 37.73 23.15
CA CYS B 474 -6.13 36.40 22.70
C CYS B 474 -4.91 36.38 21.78
N ARG B 475 -4.60 37.50 21.13
CA ARG B 475 -3.57 37.53 20.09
C ARG B 475 -2.19 37.11 20.53
N PRO B 476 -1.75 37.56 21.72
CA PRO B 476 -0.44 37.11 22.21
C PRO B 476 -0.46 35.72 22.85
N ARG B 477 -1.64 35.11 23.00
CA ARG B 477 -1.77 33.92 23.83
C ARG B 477 -2.10 32.62 23.10
N ILE B 478 -2.95 32.68 22.07
CA ILE B 478 -3.29 31.50 21.28
C ILE B 478 -3.24 31.84 19.80
N ALA B 479 -3.14 30.80 18.98
CA ALA B 479 -3.01 30.97 17.53
C ALA B 479 -4.17 31.79 16.97
N SER B 480 -3.86 32.64 15.98
CA SER B 480 -4.84 33.59 15.44
CA SER B 480 -4.84 33.59 15.46
C SER B 480 -6.19 32.95 15.10
N TYR B 481 -6.14 31.80 14.46
CA TYR B 481 -7.35 31.16 13.98
C TYR B 481 -8.25 30.65 15.09
N LYS B 482 -7.75 30.59 16.31
CA LYS B 482 -8.53 30.13 17.46
C LYS B 482 -9.31 31.22 18.20
N LYS B 483 -9.04 32.50 17.90
CA LYS B 483 -9.63 33.61 18.62
C LYS B 483 -11.13 33.64 18.40
N PRO B 484 -11.89 34.17 19.36
CA PRO B 484 -13.30 34.38 19.09
C PRO B 484 -13.50 35.41 17.99
N LYS B 485 -14.49 35.20 17.12
CA LYS B 485 -14.88 36.24 16.18
C LYS B 485 -16.02 37.11 16.71
N SER B 486 -16.60 36.73 17.84
CA SER B 486 -17.59 37.57 18.53
C SER B 486 -17.61 37.13 19.99
N VAL B 487 -17.98 38.06 20.87
CA VAL B 487 -18.07 37.80 22.30
C VAL B 487 -19.43 38.30 22.80
N ALA B 488 -20.22 37.43 23.43
CA ALA B 488 -21.43 37.85 24.13
C ALA B 488 -21.10 37.91 25.61
N PHE B 489 -21.71 38.87 26.30
CA PHE B 489 -21.53 39.01 27.74
C PHE B 489 -22.79 38.55 28.47
N ALA B 490 -22.63 37.81 29.55
CA ALA B 490 -23.78 37.30 30.27
C ALA B 490 -23.55 37.43 31.76
N ALA B 491 -24.65 37.42 32.51
CA ALA B 491 -24.56 37.54 33.96
C ALA B 491 -24.10 36.25 34.55
N ALA B 492 -24.42 35.13 33.89
CA ALA B 492 -23.98 33.81 34.36
C ALA B 492 -23.98 32.79 33.24
N LEU B 493 -23.12 31.80 33.33
CA LEU B 493 -23.19 30.67 32.43
C LEU B 493 -24.17 29.62 32.97
N PRO B 494 -25.08 29.10 32.12
CA PRO B 494 -25.93 27.99 32.58
C PRO B 494 -25.05 26.79 32.86
N ARG B 495 -25.39 26.05 33.91
CA ARG B 495 -24.50 25.03 34.47
C ARG B 495 -25.22 23.68 34.44
N THR B 496 -24.45 22.60 34.35
CA THR B 496 -25.00 21.25 34.52
C THR B 496 -24.96 20.87 36.00
N VAL B 497 -25.77 19.88 36.34
CA VAL B 497 -25.84 19.33 37.70
C VAL B 497 -24.46 19.02 38.29
N SER B 498 -23.57 18.40 37.51
CA SER B 498 -22.20 18.12 37.97
C SER B 498 -21.25 19.34 37.96
N GLY B 499 -21.78 20.54 37.67
CA GLY B 499 -20.98 21.76 37.68
C GLY B 499 -20.29 22.16 36.37
N ALA B 500 -20.37 21.32 35.34
CA ALA B 500 -19.80 21.65 34.01
C ALA B 500 -20.70 22.64 33.29
N ARG B 501 -20.13 23.31 32.29
CA ARG B 501 -20.90 24.28 31.51
C ARG B 501 -22.05 23.52 30.77
N ASP B 502 -23.27 24.06 30.80
CA ASP B 502 -24.34 23.53 29.96
C ASP B 502 -24.26 24.10 28.52
N TYR B 503 -23.48 23.44 27.69
CA TYR B 503 -23.24 23.93 26.31
C TYR B 503 -24.46 23.83 25.40
N ASP B 504 -25.32 22.83 25.62
CA ASP B 504 -26.55 22.76 24.85
C ASP B 504 -27.39 24.02 25.03
N ALA B 505 -27.52 24.49 26.28
CA ALA B 505 -28.29 25.72 26.52
C ALA B 505 -27.58 26.92 25.89
N LEU B 506 -26.26 26.94 25.94
CA LEU B 506 -25.51 28.01 25.28
C LEU B 506 -25.73 28.05 23.77
N ASP B 507 -25.70 26.90 23.11
CA ASP B 507 -25.95 26.85 21.67
C ASP B 507 -27.35 27.34 21.35
N LYS B 508 -28.33 26.87 22.09
CA LYS B 508 -29.70 27.28 21.80
C LYS B 508 -29.87 28.79 21.99
N GLU B 509 -29.31 29.33 23.08
CA GLU B 509 -29.44 30.75 23.36
C GLU B 509 -28.68 31.63 22.37
N TYR B 510 -27.46 31.23 22.00
CA TYR B 510 -26.56 32.13 21.27
C TYR B 510 -26.29 31.76 19.81
N GLY B 511 -27.14 30.94 19.21
CA GLY B 511 -27.06 30.63 17.78
C GLY B 511 -25.99 29.61 17.42
N GLY B 512 -25.67 28.74 18.35
CA GLY B 512 -24.63 27.76 18.15
C GLY B 512 -24.98 26.74 17.08
N GLY B 513 -23.98 26.30 16.34
CA GLY B 513 -24.17 25.23 15.35
C GLY B 513 -22.96 25.14 14.43
N GLY B 514 -23.02 24.25 13.47
CA GLY B 514 -21.92 24.07 12.51
C GLY B 514 -20.83 23.13 12.99
N TYR B 515 -21.13 22.35 14.04
CA TYR B 515 -20.16 21.42 14.63
C TYR B 515 -19.93 20.21 13.73
N PRO B 516 -18.71 19.66 13.73
CA PRO B 516 -18.47 18.61 12.74
C PRO B 516 -19.17 17.35 13.18
N GLY B 517 -19.70 16.60 12.22
CA GLY B 517 -20.46 15.40 12.49
C GLY B 517 -21.65 15.34 11.56
N ALA B 518 -22.72 14.68 11.97
CA ALA B 518 -23.85 14.45 11.06
C ALA B 518 -24.32 15.72 10.31
N ALA B 519 -24.32 16.86 10.99
CA ALA B 519 -24.94 18.08 10.46
C ALA B 519 -24.01 18.90 9.58
N THR B 520 -22.70 18.82 9.80
CA THR B 520 -21.73 19.59 9.02
C THR B 520 -20.48 18.75 8.74
N LEU B 521 -20.22 18.44 7.47
CA LEU B 521 -18.98 17.77 7.14
C LEU B 521 -18.20 18.68 6.22
N GLY B 522 -16.89 18.49 6.27
CA GLY B 522 -16.01 19.18 5.37
C GLY B 522 -15.65 20.54 5.90
N PRO B 523 -14.86 21.27 5.11
CA PRO B 523 -14.20 22.46 5.59
C PRO B 523 -14.96 23.74 5.32
N GLY B 524 -16.17 23.65 4.77
CA GLY B 524 -16.88 24.83 4.32
C GLY B 524 -17.31 24.80 2.87
N ARG B 525 -17.99 25.86 2.43
CA ARG B 525 -18.50 25.92 1.06
C ARG B 525 -18.85 27.33 0.66
#